data_8OK2
#
_entry.id   8OK2
#
_cell.length_a   1.00
_cell.length_b   1.00
_cell.length_c   1.00
_cell.angle_alpha   90.00
_cell.angle_beta   90.00
_cell.angle_gamma   90.00
#
_symmetry.space_group_name_H-M   'P 1'
#
loop_
_entity.id
_entity.type
_entity.pdbx_description
1 polymer 'DNA replication complex GINS protein PSF1'
2 polymer 'DNA replication complex GINS protein PSF2'
3 polymer 'DNA replication complex GINS protein PSF3'
4 polymer 'DNA replication complex GINS protein SLD5'
5 polymer 'Topoisomerase (DNA) II binding protein 1'
#
loop_
_entity_poly.entity_id
_entity_poly.type
_entity_poly.pdbx_seq_one_letter_code
_entity_poly.pdbx_strand_id
1 'polypeptide(L)'
;MFCEKAMELIRELHRAPEGQLPAFNEDGLRQVLEEMKALYEQNQSDVNEAKSGGRSDLIPTIKFRHCSLLRNRRCTVAYL
YDRLLRIRALRWEYGSILPNALRFHMAAEEMEWFNNYKRSLATYMRSLGGDEGLDITQDMKPPKSLYIEVR
;
A
2 'polypeptide(L)'
;MDAAEVEFLAEKELVTIIPNFSLDKIYLIGGDLGPFNPGLPVEVPLWLAINLKQRQKCRLLPPEWMDVEKLEKMRDHERK
EETFTPMPSPYYMELTKLLLNHASDNIPKADEIRTLVKDMWDTRIAKLRVSADSFVRQQEAHAKLDNLTLMEINTSGTFL
TQALNHMYKLRTNLQPLESTQSQDF
;
B
3 'polypeptide(L)'
;MSEAYFRVESGALGPEENFLSLDDILMSHEKLPVRTETAMPRLGAFFLERSAGAETDNAVPQGSKLELPLWLAKGLFDNK
RRILSVELPKIYQEGWRTVFSADPNVVDLHKMGPHFYGFGSQLLHFDSPENADISQSLLQTFIGRFRRIMDSSQNAYNED
TSALVARLDEMERGLFQTGQKGLNDFQCWEKGQASQITASNLVQNYKKRKFTDMED
;
C
4 'polypeptide(L)'
;MHHHHHHGRMDYKDDDDKADYKDDDDKADYKDDDDKGRPMTEEVDFLGQDSDGGSEEVVLTPAELIERLEQAWMNEKFAP
ELLESKPEIVECVMEQLEHMEENLRRAKREDLKVSIHQMEMERIRYVLSSYLRCRLMKIEKFFPHVLEKEKTRPEGEPSS
LSPEELAFAREFMANTESYLKNVALKHMPPNLQKVDLFRAVPKPDLDSYVFLRVRERQENILVEPDTDEQRDYVIDLEKG
SQHLIRYKTIAPLVASGAVQLI
;
D
5 'polypeptide(L)'
;MGSHHHHHHGSLEVLFQGPHMASNSLNSKLEPTLENLENLDVSAFQAPEDLLDGCRIYLCGFSGRKLDKLRRLINSGGGV
RFNQLNEDVTHVIVGDYDDELKQFWNKSAHRPHVVGAKWLLECFSKGYMLSEEPYIHANYQPVEIPVSHQPESKAALLKK
KNSSFSKKDFAPSEKHEQADEDLLSQYENGSSTVVEAKTSEARPFNDSTHAEPLNDSTHISLQEENQSSVSHCVPDVSTI
TEEGLFSQKSFLVLGFSNENESNIANIIKENAGKIMSLLSRTVADYAVVPLLGCEVEATVGEVVTNTWLVTCIDYQTLFD
PKSNPLFTPVPVMTGMTPLEDCVISFSQCAGAEKESLTFLANLLGASVQEYFVRKSNAKKGMFASTHLILKERGGSKYEA
AKKWNLPAVTIAWLLETARTGKRADESHFLIENSTKEERSLETEITNGINLNSDTAEHPRRAWSHPQFEK
;
E
#
# COMPACT_ATOMS: atom_id res chain seq x y z
N MET A 1 21.36 26.95 1.43
CA MET A 1 20.01 27.42 1.17
C MET A 1 19.00 26.72 2.08
N PHE A 2 17.90 27.41 2.36
CA PHE A 2 16.84 26.83 3.19
C PHE A 2 16.28 25.58 2.54
N CYS A 3 16.08 24.54 3.37
CA CYS A 3 15.31 23.34 3.07
C CYS A 3 16.12 22.32 2.28
N GLU A 4 17.44 22.47 2.25
CA GLU A 4 18.28 21.52 1.52
C GLU A 4 18.33 20.16 2.21
N LYS A 5 18.45 20.15 3.55
CA LYS A 5 18.51 18.89 4.26
C LYS A 5 17.21 18.10 4.11
N ALA A 6 16.08 18.78 4.18
CA ALA A 6 14.80 18.11 3.94
C ALA A 6 14.75 17.54 2.53
N MET A 7 15.28 18.27 1.56
CA MET A 7 15.29 17.81 0.17
C MET A 7 16.18 16.57 0.02
N GLU A 8 17.31 16.54 0.72
CA GLU A 8 18.15 15.36 0.72
C GLU A 8 17.43 14.18 1.34
N LEU A 9 16.71 14.41 2.44
CA LEU A 9 15.95 13.33 3.06
C LEU A 9 14.92 12.77 2.10
N ILE A 10 14.21 13.65 1.40
CA ILE A 10 13.17 13.21 0.47
C ILE A 10 13.80 12.46 -0.70
N ARG A 11 14.92 12.95 -1.21
CA ARG A 11 15.59 12.28 -2.32
C ARG A 11 16.07 10.89 -1.91
N GLU A 12 16.64 10.78 -0.71
CA GLU A 12 17.10 9.49 -0.20
C GLU A 12 15.94 8.51 -0.09
N LEU A 13 14.81 8.96 0.47
CA LEU A 13 13.68 8.08 0.63
C LEU A 13 13.08 7.69 -0.72
N HIS A 14 13.02 8.64 -1.66
CA HIS A 14 12.48 8.36 -2.99
C HIS A 14 13.34 7.40 -3.78
N ARG A 15 14.66 7.45 -3.58
CA ARG A 15 15.57 6.62 -4.37
C ARG A 15 15.58 5.16 -3.92
N ALA A 16 15.07 4.86 -2.74
CA ALA A 16 15.13 3.50 -2.22
C ALA A 16 14.32 2.55 -3.09
N PRO A 17 14.86 1.37 -3.42
CA PRO A 17 14.10 0.39 -4.20
C PRO A 17 12.75 0.07 -3.56
N GLU A 18 11.78 -0.24 -4.40
CA GLU A 18 10.41 -0.49 -3.97
C GLU A 18 10.35 -1.53 -2.87
N GLY A 19 9.85 -1.13 -1.70
CA GLY A 19 9.62 -2.03 -0.60
C GLY A 19 10.77 -2.14 0.39
N GLN A 20 11.93 -1.58 0.08
CA GLN A 20 13.04 -1.59 1.02
C GLN A 20 12.91 -0.41 1.98
N LEU A 21 13.29 -0.65 3.24
CA LEU A 21 13.21 0.37 4.29
C LEU A 21 14.60 0.90 4.61
N PRO A 22 14.98 2.07 4.13
CA PRO A 22 16.28 2.65 4.51
C PRO A 22 16.33 3.06 5.97
N ALA A 23 17.57 3.17 6.46
CA ALA A 23 17.79 3.58 7.84
C ALA A 23 17.25 4.98 8.11
N PHE A 24 16.63 5.14 9.29
CA PHE A 24 16.11 6.44 9.70
C PHE A 24 17.22 7.46 9.82
N ASN A 25 17.11 8.57 9.07
CA ASN A 25 18.12 9.63 9.06
C ASN A 25 17.76 10.67 10.12
N GLU A 26 18.17 10.40 11.36
CA GLU A 26 17.83 11.27 12.48
C GLU A 26 18.56 12.61 12.40
N ASP A 27 19.82 12.60 11.95
CA ASP A 27 20.62 13.83 11.93
C ASP A 27 19.99 14.90 11.06
N GLY A 28 19.56 14.52 9.85
CA GLY A 28 18.88 15.48 8.99
C GLY A 28 17.67 16.09 9.66
N LEU A 29 16.89 15.28 10.37
CA LEU A 29 15.70 15.78 11.05
C LEU A 29 16.07 16.77 12.14
N ARG A 30 17.10 16.45 12.93
CA ARG A 30 17.55 17.38 13.96
C ARG A 30 18.01 18.70 13.35
N GLN A 31 18.76 18.64 12.26
CA GLN A 31 19.24 19.86 11.62
C GLN A 31 18.07 20.70 11.09
N VAL A 32 17.07 20.04 10.49
CA VAL A 32 15.90 20.77 10.01
C VAL A 32 15.17 21.44 11.17
N LEU A 33 15.02 20.73 12.29
CA LEU A 33 14.32 21.32 13.43
C LEU A 33 15.08 22.51 13.98
N GLU A 34 16.41 22.42 14.06
CA GLU A 34 17.21 23.55 14.51
C GLU A 34 17.08 24.74 13.58
N GLU A 35 17.10 24.50 12.27
CA GLU A 35 16.92 25.58 11.30
C GLU A 35 15.56 26.24 11.48
N MET A 36 14.50 25.43 11.66
CA MET A 36 13.17 25.98 11.88
C MET A 36 13.14 26.85 13.13
N LYS A 37 13.76 26.38 14.22
CA LYS A 37 13.81 27.17 15.45
C LYS A 37 14.52 28.51 15.21
N ALA A 38 15.65 28.47 14.49
CA ALA A 38 16.38 29.70 14.20
C ALA A 38 15.53 30.68 13.40
N LEU A 39 14.83 30.17 12.38
CA LEU A 39 13.96 31.03 11.58
C LEU A 39 12.84 31.62 12.43
N TYR A 40 12.25 30.81 13.30
CA TYR A 40 11.20 31.31 14.19
C TYR A 40 11.71 32.44 15.06
N GLU A 41 12.90 32.27 15.64
CA GLU A 41 13.45 33.33 16.50
C GLU A 41 13.75 34.59 15.70
N GLN A 42 14.30 34.43 14.49
CA GLN A 42 14.59 35.59 13.66
C GLN A 42 13.32 36.35 13.29
N ASN A 43 12.27 35.63 12.92
CA ASN A 43 11.00 36.28 12.61
C ASN A 43 10.40 36.95 13.83
N GLN A 44 10.51 36.32 15.00
CA GLN A 44 10.02 36.94 16.23
C GLN A 44 10.73 38.26 16.48
N SER A 45 12.06 38.27 16.34
CA SER A 45 12.82 39.49 16.56
C SER A 45 12.46 40.56 15.54
N ASP A 46 12.28 40.16 14.27
CA ASP A 46 11.99 41.14 13.24
C ASP A 46 10.59 41.72 13.40
N VAL A 47 9.63 40.90 13.82
CA VAL A 47 8.29 41.40 14.10
C VAL A 47 8.33 42.36 15.30
N ASN A 48 9.12 42.03 16.32
CA ASN A 48 9.24 42.92 17.47
C ASN A 48 9.83 44.26 17.06
N GLU A 49 10.81 44.24 16.15
CA GLU A 49 11.41 45.50 15.69
C GLU A 49 10.45 46.28 14.81
N ALA A 50 9.66 45.58 13.99
CA ALA A 50 8.69 46.24 13.13
C ALA A 50 7.59 46.90 13.95
N LYS A 51 7.19 46.26 15.05
CA LYS A 51 6.10 46.81 15.86
C LYS A 51 6.59 47.91 16.79
N SER A 52 7.73 47.71 17.45
CA SER A 52 8.21 48.70 18.41
C SER A 52 8.88 49.88 17.71
N GLY A 53 9.60 49.61 16.62
CA GLY A 53 10.35 50.62 15.91
C GLY A 53 9.68 51.17 14.67
N GLY A 54 8.50 50.69 14.32
CA GLY A 54 7.80 51.19 13.15
C GLY A 54 8.48 50.88 11.83
N ARG A 55 9.31 49.85 11.79
CA ARG A 55 10.00 49.45 10.56
C ARG A 55 9.13 48.47 9.77
N SER A 56 8.00 48.98 9.28
CA SER A 56 7.09 48.15 8.51
C SER A 56 7.69 47.70 7.18
N ASP A 57 8.78 48.32 6.72
CA ASP A 57 9.37 47.92 5.46
C ASP A 57 9.99 46.53 5.54
N LEU A 58 10.11 45.98 6.74
CA LEU A 58 10.64 44.65 6.95
C LEU A 58 9.55 43.58 6.89
N ILE A 59 8.27 44.00 6.81
CA ILE A 59 7.18 43.03 6.88
C ILE A 59 7.21 42.02 5.73
N PRO A 60 7.43 42.41 4.48
CA PRO A 60 7.50 41.37 3.43
C PRO A 60 8.63 40.37 3.64
N THR A 61 9.80 40.85 4.11
CA THR A 61 10.91 39.94 4.35
C THR A 61 10.56 38.90 5.40
N ILE A 62 9.86 39.33 6.45
CA ILE A 62 9.43 38.39 7.48
C ILE A 62 8.57 37.30 6.86
N LYS A 63 7.68 37.70 5.94
CA LYS A 63 6.82 36.73 5.28
C LYS A 63 7.66 35.70 4.55
N PHE A 64 8.75 36.16 3.93
CA PHE A 64 9.67 35.25 3.25
C PHE A 64 10.07 34.12 4.19
N ARG A 65 10.56 34.49 5.38
CA ARG A 65 11.00 33.45 6.31
C ARG A 65 9.83 32.59 6.72
N HIS A 66 8.66 33.21 6.92
CA HIS A 66 7.48 32.45 7.29
C HIS A 66 7.20 31.37 6.26
N CYS A 67 7.28 31.73 4.97
CA CYS A 67 7.00 30.73 3.94
C CYS A 67 7.99 29.58 4.05
N SER A 68 9.26 29.89 4.32
CA SER A 68 10.26 28.83 4.41
C SER A 68 9.91 27.87 5.53
N LEU A 69 9.40 28.40 6.65
CA LEU A 69 9.03 27.53 7.75
C LEU A 69 8.01 26.50 7.30
N LEU A 70 6.99 26.96 6.56
CA LEU A 70 5.94 26.03 6.16
C LEU A 70 6.54 24.94 5.28
N ARG A 71 7.49 25.30 4.42
CA ARG A 71 8.10 24.31 3.56
C ARG A 71 8.73 23.21 4.38
N ASN A 72 9.56 23.60 5.36
CA ASN A 72 10.18 22.59 6.20
C ASN A 72 9.13 21.71 6.84
N ARG A 73 8.08 22.32 7.39
CA ARG A 73 7.08 21.52 8.06
C ARG A 73 6.50 20.48 7.10
N ARG A 74 6.12 20.94 5.90
CA ARG A 74 5.52 20.01 4.95
C ARG A 74 6.47 18.86 4.69
N CYS A 75 7.74 19.18 4.42
CA CYS A 75 8.66 18.13 4.02
C CYS A 75 8.76 17.11 5.14
N THR A 76 8.87 17.59 6.39
CA THR A 76 9.05 16.66 7.49
C THR A 76 7.88 15.70 7.55
N VAL A 77 6.67 16.23 7.48
CA VAL A 77 5.51 15.36 7.60
C VAL A 77 5.51 14.37 6.44
N ALA A 78 5.76 14.89 5.23
CA ALA A 78 5.70 14.01 4.07
C ALA A 78 6.70 12.88 4.22
N TYR A 79 7.90 13.20 4.70
CA TYR A 79 8.91 12.16 4.84
C TYR A 79 8.38 11.05 5.74
N LEU A 80 7.91 11.43 6.93
CA LEU A 80 7.48 10.43 7.88
C LEU A 80 6.34 9.63 7.30
N TYR A 81 5.43 10.31 6.59
CA TYR A 81 4.25 9.62 6.09
C TYR A 81 4.66 8.54 5.11
N ASP A 82 5.59 8.85 4.20
CA ASP A 82 5.99 7.85 3.23
C ASP A 82 6.54 6.62 3.93
N ARG A 83 7.35 6.82 4.97
CA ARG A 83 7.90 5.68 5.68
C ARG A 83 6.79 4.80 6.23
N LEU A 84 5.73 5.42 6.74
CA LEU A 84 4.64 4.65 7.32
C LEU A 84 4.08 3.67 6.30
N LEU A 85 3.93 4.12 5.05
CA LEU A 85 3.36 3.24 4.03
C LEU A 85 4.25 2.02 3.83
N ARG A 86 5.57 2.23 3.83
CA ARG A 86 6.45 1.09 3.63
C ARG A 86 6.31 0.12 4.79
N ILE A 87 6.21 0.65 6.02
CA ILE A 87 6.05 -0.24 7.16
C ILE A 87 4.77 -1.04 7.01
N ARG A 88 3.70 -0.37 6.54
CA ARG A 88 2.45 -1.08 6.33
C ARG A 88 2.64 -2.22 5.34
N ALA A 89 3.36 -1.96 4.24
CA ALA A 89 3.57 -3.00 3.25
C ALA A 89 4.31 -4.17 3.87
N LEU A 90 5.29 -3.88 4.75
CA LEU A 90 6.04 -4.96 5.37
C LEU A 90 5.12 -5.86 6.18
N ARG A 91 4.14 -5.25 6.87
CA ARG A 91 3.21 -6.04 7.66
C ARG A 91 2.48 -7.05 6.77
N TRP A 92 2.15 -6.64 5.55
CA TRP A 92 1.43 -7.52 4.64
C TRP A 92 2.34 -8.50 3.93
N GLU A 93 3.66 -8.27 3.92
CA GLU A 93 4.55 -9.14 3.15
C GLU A 93 5.22 -10.20 4.01
N TYR A 94 5.70 -9.85 5.20
CA TYR A 94 6.47 -10.79 6.00
C TYR A 94 5.66 -11.40 7.13
N GLY A 95 4.58 -10.75 7.56
CA GLY A 95 3.80 -11.27 8.66
C GLY A 95 3.99 -10.49 9.94
N SER A 96 3.85 -11.18 11.07
CA SER A 96 3.82 -10.51 12.36
C SER A 96 5.22 -10.15 12.86
N ILE A 97 6.25 -10.84 12.39
CA ILE A 97 7.63 -10.53 12.74
C ILE A 97 8.39 -10.19 11.48
N LEU A 98 9.01 -9.04 11.47
CA LEU A 98 9.80 -8.62 10.34
C LEU A 98 11.22 -9.17 10.47
N PRO A 99 11.93 -9.39 9.36
CA PRO A 99 13.33 -9.80 9.46
C PRO A 99 14.14 -8.77 10.24
N ASN A 100 15.20 -9.25 10.90
CA ASN A 100 15.98 -8.37 11.76
C ASN A 100 16.61 -7.23 10.97
N ALA A 101 17.12 -7.51 9.77
CA ALA A 101 17.77 -6.48 8.98
C ALA A 101 16.84 -5.32 8.71
N LEU A 102 15.58 -5.60 8.42
CA LEU A 102 14.60 -4.54 8.24
C LEU A 102 14.25 -3.89 9.56
N ARG A 103 14.20 -4.68 10.64
CA ARG A 103 13.88 -4.13 11.95
C ARG A 103 14.90 -3.10 12.41
N PHE A 104 16.16 -3.24 11.99
CA PHE A 104 17.19 -2.36 12.49
C PHE A 104 17.07 -0.94 11.96
N HIS A 105 16.34 -0.75 10.86
CA HIS A 105 16.20 0.55 10.22
C HIS A 105 15.08 1.39 10.82
N MET A 106 14.35 0.89 11.81
CA MET A 106 13.17 1.57 12.32
C MET A 106 13.49 2.34 13.60
N ALA A 107 12.83 3.49 13.74
CA ALA A 107 12.84 4.25 14.98
C ALA A 107 11.89 3.63 15.99
N ALA A 108 12.08 4.00 17.26
CA ALA A 108 11.23 3.47 18.33
C ALA A 108 9.76 3.83 18.09
N GLU A 109 9.49 5.07 17.68
CA GLU A 109 8.12 5.48 17.43
C GLU A 109 7.52 4.71 16.27
N GLU A 110 8.32 4.40 15.25
CA GLU A 110 7.83 3.58 14.15
C GLU A 110 7.44 2.19 14.64
N MET A 111 8.25 1.63 15.54
CA MET A 111 7.91 0.34 16.14
C MET A 111 6.60 0.42 16.92
N GLU A 112 6.41 1.48 17.69
CA GLU A 112 5.16 1.66 18.42
C GLU A 112 3.97 1.76 17.47
N TRP A 113 4.13 2.54 16.39
CA TRP A 113 3.06 2.67 15.40
C TRP A 113 2.73 1.31 14.78
N PHE A 114 3.77 0.55 14.40
CA PHE A 114 3.55 -0.77 13.83
C PHE A 114 2.78 -1.66 14.81
N ASN A 115 3.17 -1.64 16.09
CA ASN A 115 2.49 -2.47 17.08
C ASN A 115 1.03 -2.06 17.23
N ASN A 116 0.75 -0.75 17.25
CA ASN A 116 -0.63 -0.30 17.36
C ASN A 116 -1.43 -0.71 16.13
N TYR A 117 -0.81 -0.61 14.95
CA TYR A 117 -1.48 -1.01 13.71
C TYR A 117 -1.84 -2.48 13.72
N LYS A 118 -0.88 -3.35 14.03
CA LYS A 118 -1.17 -4.78 14.11
C LYS A 118 -2.23 -5.06 15.16
N ARG A 119 -2.19 -4.35 16.29
CA ARG A 119 -3.19 -4.57 17.34
C ARG A 119 -4.59 -4.25 16.84
N SER A 120 -4.76 -3.07 16.24
CA SER A 120 -6.06 -2.68 15.72
C SER A 120 -6.53 -3.66 14.63
N LEU A 121 -5.62 -4.08 13.75
CA LEU A 121 -6.00 -5.01 12.70
C LEU A 121 -6.46 -6.34 13.27
N ALA A 122 -5.75 -6.84 14.27
CA ALA A 122 -6.16 -8.10 14.92
C ALA A 122 -7.52 -7.94 15.59
N THR A 123 -7.73 -6.82 16.28
CA THR A 123 -9.03 -6.60 16.92
C THR A 123 -10.16 -6.57 15.89
N TYR A 124 -9.93 -5.88 14.77
CA TYR A 124 -10.93 -5.84 13.70
C TYR A 124 -11.22 -7.25 13.18
N MET A 125 -10.18 -8.03 12.91
CA MET A 125 -10.39 -9.36 12.38
C MET A 125 -11.13 -10.25 13.38
N ARG A 126 -10.83 -10.11 14.68
CA ARG A 126 -11.57 -10.86 15.68
C ARG A 126 -13.03 -10.40 15.74
N SER A 127 -13.29 -9.14 15.44
CA SER A 127 -14.66 -8.62 15.50
C SER A 127 -15.52 -9.12 14.35
N LEU A 128 -14.93 -9.67 13.30
CA LEU A 128 -15.68 -10.16 12.15
C LEU A 128 -16.09 -11.60 12.34
N GLY A 129 -17.31 -11.93 11.92
CA GLY A 129 -17.72 -13.31 11.80
C GLY A 129 -18.12 -13.97 13.11
N GLY A 130 -18.56 -13.19 14.08
CA GLY A 130 -19.03 -13.77 15.33
C GLY A 130 -17.88 -14.23 16.19
N ASP A 131 -17.93 -15.49 16.61
CA ASP A 131 -17.01 -16.01 17.63
C ASP A 131 -15.69 -16.50 17.07
N GLU A 132 -15.60 -16.82 15.78
CA GLU A 132 -14.42 -17.52 15.27
C GLU A 132 -13.47 -16.65 14.46
N GLY A 133 -13.87 -15.44 14.07
CA GLY A 133 -13.00 -14.60 13.24
C GLY A 133 -12.67 -15.16 11.87
N LEU A 134 -12.19 -14.29 10.97
CA LEU A 134 -11.80 -14.69 9.63
C LEU A 134 -10.43 -14.07 9.32
N ASP A 135 -9.44 -14.92 9.07
CA ASP A 135 -8.12 -14.46 8.65
C ASP A 135 -8.17 -14.17 7.16
N ILE A 136 -8.28 -12.89 6.80
CA ILE A 136 -8.39 -12.52 5.39
C ILE A 136 -7.04 -12.37 4.72
N THR A 137 -5.94 -12.43 5.47
CA THR A 137 -4.61 -12.30 4.89
C THR A 137 -4.10 -13.60 4.28
N GLN A 138 -4.83 -14.69 4.44
CA GLN A 138 -4.41 -15.98 3.91
C GLN A 138 -5.06 -16.21 2.55
N ASP A 139 -4.44 -17.11 1.77
CA ASP A 139 -4.93 -17.44 0.44
C ASP A 139 -4.93 -16.21 -0.45
N MET A 140 -3.85 -15.42 -0.36
CA MET A 140 -3.76 -14.20 -1.14
C MET A 140 -3.90 -14.47 -2.63
N LYS A 141 -3.57 -15.68 -3.06
CA LYS A 141 -3.69 -16.11 -4.43
C LYS A 141 -4.82 -17.13 -4.53
N PRO A 142 -5.51 -17.21 -5.67
CA PRO A 142 -6.62 -18.17 -5.82
C PRO A 142 -6.16 -19.58 -5.55
N PRO A 143 -6.96 -20.36 -4.80
CA PRO A 143 -6.59 -21.75 -4.48
C PRO A 143 -6.40 -22.66 -5.69
N LYS A 144 -6.47 -22.09 -6.90
CA LYS A 144 -6.30 -22.87 -8.11
C LYS A 144 -4.94 -23.56 -8.14
N SER A 145 -4.94 -24.84 -8.51
CA SER A 145 -3.72 -25.64 -8.59
C SER A 145 -2.65 -24.96 -9.45
N MET B 1 -7.42 -6.07 -9.09
CA MET B 1 -7.72 -7.40 -9.59
C MET B 1 -6.68 -7.86 -10.61
N ASP B 2 -6.19 -9.08 -10.43
CA ASP B 2 -5.21 -9.67 -11.33
C ASP B 2 -5.83 -10.78 -12.17
N ALA B 3 -5.07 -11.23 -13.16
CA ALA B 3 -5.53 -12.27 -14.08
C ALA B 3 -5.91 -13.55 -13.35
N ALA B 4 -5.26 -13.82 -12.21
CA ALA B 4 -5.54 -15.05 -11.48
C ALA B 4 -6.96 -15.04 -10.93
N GLU B 5 -7.47 -13.88 -10.55
CA GLU B 5 -8.84 -13.83 -10.03
C GLU B 5 -9.85 -13.94 -11.16
N VAL B 6 -9.46 -13.48 -12.36
CA VAL B 6 -10.34 -13.64 -13.51
C VAL B 6 -10.45 -15.11 -13.88
N GLU B 7 -9.33 -15.83 -13.86
CA GLU B 7 -9.41 -17.28 -14.09
C GLU B 7 -10.18 -17.97 -12.98
N PHE B 8 -10.04 -17.48 -11.73
CA PHE B 8 -10.82 -18.04 -10.64
C PHE B 8 -12.31 -17.91 -10.91
N LEU B 9 -12.74 -16.75 -11.43
CA LEU B 9 -14.15 -16.59 -11.76
C LEU B 9 -14.53 -17.44 -12.96
N ALA B 10 -13.59 -17.64 -13.88
CA ALA B 10 -13.83 -18.49 -15.05
C ALA B 10 -14.09 -19.93 -14.65
N GLU B 11 -13.45 -20.39 -13.58
CA GLU B 11 -13.57 -21.77 -13.11
C GLU B 11 -15.01 -22.17 -12.78
N LYS B 12 -15.95 -21.22 -12.80
CA LYS B 12 -17.34 -21.54 -12.46
C LYS B 12 -18.11 -22.13 -13.63
N GLU B 13 -17.70 -21.84 -14.87
CA GLU B 13 -18.38 -22.36 -16.04
C GLU B 13 -18.56 -23.88 -15.98
N LEU B 14 -19.74 -24.34 -16.39
CA LEU B 14 -20.05 -25.76 -16.39
C LEU B 14 -19.51 -26.47 -17.63
N VAL B 15 -19.09 -27.72 -17.44
CA VAL B 15 -18.59 -28.58 -18.51
C VAL B 15 -19.17 -29.97 -18.30
N THR B 16 -19.03 -30.81 -19.33
CA THR B 16 -19.57 -32.16 -19.32
C THR B 16 -18.44 -33.17 -19.16
N ILE B 17 -18.57 -34.05 -18.16
CA ILE B 17 -17.59 -35.09 -17.87
C ILE B 17 -18.25 -36.45 -18.00
N ILE B 18 -17.41 -37.48 -18.05
CA ILE B 18 -17.81 -38.88 -18.11
C ILE B 18 -17.26 -39.59 -16.88
N PRO B 19 -18.05 -39.69 -15.81
CA PRO B 19 -17.59 -40.40 -14.61
C PRO B 19 -17.39 -41.88 -14.88
N ASN B 20 -16.48 -42.48 -14.12
CA ASN B 20 -16.23 -43.92 -14.18
C ASN B 20 -16.60 -44.59 -12.87
N PHE B 21 -17.41 -43.93 -12.05
CA PHE B 21 -17.82 -44.44 -10.75
C PHE B 21 -19.23 -43.95 -10.47
N SER B 22 -19.81 -44.47 -9.40
CA SER B 22 -21.16 -44.08 -8.97
C SER B 22 -21.10 -43.33 -7.65
N LEU B 23 -22.04 -42.40 -7.48
CA LEU B 23 -22.12 -41.58 -6.28
C LEU B 23 -23.42 -40.78 -6.32
N ASP B 24 -24.08 -40.68 -5.18
CA ASP B 24 -25.34 -39.95 -5.10
C ASP B 24 -25.11 -38.47 -5.36
N LYS B 25 -26.13 -37.81 -5.92
CA LYS B 25 -26.03 -36.40 -6.23
C LYS B 25 -25.70 -35.58 -4.99
N ILE B 26 -24.78 -34.64 -5.14
CA ILE B 26 -24.36 -33.76 -4.06
C ILE B 26 -25.13 -32.45 -4.15
N TYR B 27 -25.32 -31.81 -3.01
CA TYR B 27 -26.07 -30.56 -2.91
C TYR B 27 -25.09 -29.45 -2.50
N LEU B 28 -24.39 -28.90 -3.49
CA LEU B 28 -23.44 -27.84 -3.20
C LEU B 28 -24.19 -26.53 -2.94
N ILE B 29 -23.56 -25.66 -2.15
CA ILE B 29 -24.15 -24.35 -1.87
C ILE B 29 -24.43 -23.62 -3.18
N GLY B 30 -23.71 -23.95 -4.24
CA GLY B 30 -23.86 -23.36 -5.56
C GLY B 30 -24.86 -24.06 -6.46
N GLY B 31 -25.28 -25.27 -6.13
CA GLY B 31 -26.22 -25.99 -6.97
C GLY B 31 -26.11 -27.49 -6.78
N ASP B 32 -27.15 -28.18 -7.22
CA ASP B 32 -27.14 -29.63 -7.20
C ASP B 32 -26.26 -30.17 -8.33
N LEU B 33 -25.61 -31.30 -8.06
CA LEU B 33 -24.77 -31.94 -9.06
C LEU B 33 -24.98 -33.45 -9.02
N GLY B 34 -25.08 -34.07 -10.20
CA GLY B 34 -25.29 -35.49 -10.30
C GLY B 34 -26.73 -35.86 -10.51
N PRO B 35 -27.09 -37.14 -10.26
CA PRO B 35 -26.26 -38.27 -9.81
C PRO B 35 -25.16 -38.65 -10.79
N PHE B 36 -24.21 -39.49 -10.37
CA PHE B 36 -23.12 -39.92 -11.22
C PHE B 36 -23.27 -41.41 -11.56
N ASN B 37 -23.06 -41.74 -12.83
CA ASN B 37 -23.18 -43.10 -13.33
C ASN B 37 -22.06 -43.33 -14.33
N PRO B 38 -21.30 -44.41 -14.19
CA PRO B 38 -20.21 -44.70 -15.14
C PRO B 38 -20.68 -44.62 -16.58
N GLY B 39 -19.92 -43.90 -17.40
CA GLY B 39 -20.24 -43.77 -18.81
C GLY B 39 -21.40 -42.86 -19.14
N LEU B 40 -21.94 -42.13 -18.16
CA LEU B 40 -23.07 -41.25 -18.40
C LEU B 40 -22.64 -39.80 -18.24
N PRO B 41 -22.85 -38.96 -19.26
CA PRO B 41 -22.45 -37.55 -19.18
C PRO B 41 -23.08 -36.84 -17.99
N VAL B 42 -22.28 -36.01 -17.31
CA VAL B 42 -22.76 -35.21 -16.20
C VAL B 42 -22.20 -33.79 -16.35
N GLU B 43 -22.96 -32.81 -15.87
CA GLU B 43 -22.59 -31.40 -15.95
C GLU B 43 -22.07 -30.95 -14.59
N VAL B 44 -20.79 -30.57 -14.54
CA VAL B 44 -20.16 -30.11 -13.30
C VAL B 44 -19.29 -28.90 -13.60
N PRO B 45 -19.01 -28.08 -12.58
CA PRO B 45 -18.13 -26.93 -12.78
C PRO B 45 -16.73 -27.34 -13.21
N LEU B 46 -16.11 -26.48 -14.03
CA LEU B 46 -14.79 -26.78 -14.57
C LEU B 46 -13.77 -27.13 -13.49
N TRP B 47 -13.78 -26.40 -12.37
CA TRP B 47 -12.80 -26.69 -11.32
C TRP B 47 -12.97 -28.11 -10.79
N LEU B 48 -14.22 -28.57 -10.70
CA LEU B 48 -14.48 -29.92 -10.23
C LEU B 48 -14.00 -30.94 -11.26
N ALA B 49 -14.21 -30.64 -12.54
CA ALA B 49 -13.72 -31.51 -13.60
C ALA B 49 -12.21 -31.65 -13.54
N ILE B 50 -11.50 -30.52 -13.39
CA ILE B 50 -10.05 -30.55 -13.28
C ILE B 50 -9.62 -31.37 -12.07
N ASN B 51 -10.25 -31.13 -10.92
CA ASN B 51 -9.90 -31.85 -9.71
C ASN B 51 -10.06 -33.36 -9.90
N LEU B 52 -11.18 -33.78 -10.48
CA LEU B 52 -11.40 -35.21 -10.72
C LEU B 52 -10.40 -35.74 -11.74
N LYS B 53 -10.05 -34.94 -12.74
CA LYS B 53 -9.08 -35.37 -13.74
C LYS B 53 -7.73 -35.67 -13.12
N GLN B 54 -7.24 -34.75 -12.28
CA GLN B 54 -6.00 -35.00 -11.56
C GLN B 54 -6.09 -36.30 -10.77
N ARG B 55 -7.24 -36.55 -10.14
CA ARG B 55 -7.47 -37.78 -9.40
C ARG B 55 -7.70 -38.97 -10.32
N GLN B 56 -7.76 -38.75 -11.63
CA GLN B 56 -7.95 -39.82 -12.62
C GLN B 56 -9.23 -40.63 -12.36
N LYS B 57 -10.27 -39.94 -11.88
CA LYS B 57 -11.54 -40.59 -11.57
C LYS B 57 -12.64 -40.28 -12.58
N CYS B 58 -12.29 -39.78 -13.77
CA CYS B 58 -13.29 -39.46 -14.78
C CYS B 58 -12.58 -39.11 -16.09
N ARG B 59 -13.38 -38.91 -17.13
CA ARG B 59 -12.90 -38.54 -18.46
C ARG B 59 -13.45 -37.17 -18.82
N LEU B 60 -12.60 -36.28 -19.31
CA LEU B 60 -13.03 -34.93 -19.66
C LEU B 60 -13.49 -34.89 -21.11
N LEU B 61 -14.66 -34.27 -21.34
CA LEU B 61 -15.20 -34.08 -22.69
C LEU B 61 -14.99 -32.65 -23.13
N PRO B 62 -14.53 -32.43 -24.36
CA PRO B 62 -14.31 -31.07 -24.83
C PRO B 62 -15.60 -30.40 -25.23
N PRO B 63 -15.75 -29.11 -24.96
CA PRO B 63 -16.98 -28.41 -25.34
C PRO B 63 -17.24 -28.48 -26.84
N GLU B 64 -18.52 -28.51 -27.21
CA GLU B 64 -18.91 -28.62 -28.60
C GLU B 64 -18.29 -27.50 -29.46
N TRP B 65 -18.10 -26.32 -28.88
CA TRP B 65 -17.53 -25.22 -29.65
C TRP B 65 -16.02 -25.34 -29.80
N MET B 66 -15.36 -26.10 -28.93
CA MET B 66 -13.91 -26.28 -28.99
C MET B 66 -13.54 -27.18 -30.17
N ASP B 67 -13.71 -26.65 -31.39
CA ASP B 67 -13.43 -27.39 -32.61
C ASP B 67 -12.55 -26.55 -33.50
N VAL B 68 -11.46 -27.14 -34.01
CA VAL B 68 -10.50 -26.42 -34.83
C VAL B 68 -11.19 -25.70 -35.99
N GLU B 69 -12.17 -26.34 -36.62
CA GLU B 69 -12.84 -25.72 -37.75
C GLU B 69 -13.71 -24.55 -37.29
N LYS B 70 -14.48 -24.75 -36.23
CA LYS B 70 -15.33 -23.69 -35.72
C LYS B 70 -14.49 -22.54 -35.19
N LEU B 71 -13.45 -22.86 -34.43
CA LEU B 71 -12.56 -21.82 -33.90
C LEU B 71 -11.88 -21.06 -35.03
N GLU B 72 -11.50 -21.75 -36.11
CA GLU B 72 -10.88 -21.07 -37.24
C GLU B 72 -11.86 -20.13 -37.93
N LYS B 73 -13.14 -20.53 -38.01
CA LYS B 73 -14.10 -19.62 -38.63
C LYS B 73 -14.41 -18.45 -37.71
N MET B 74 -14.42 -18.68 -36.40
CA MET B 74 -14.61 -17.58 -35.46
C MET B 74 -13.47 -16.60 -35.54
N ARG B 75 -12.23 -17.10 -35.63
CA ARG B 75 -11.08 -16.22 -35.78
C ARG B 75 -11.16 -15.41 -37.06
N ASP B 76 -11.56 -16.04 -38.17
CA ASP B 76 -11.66 -15.31 -39.42
C ASP B 76 -12.78 -14.28 -39.38
N HIS B 77 -13.87 -14.60 -38.68
CA HIS B 77 -14.96 -13.64 -38.53
C HIS B 77 -14.52 -12.44 -37.72
N GLU B 78 -13.82 -12.68 -36.60
CA GLU B 78 -13.31 -11.59 -35.79
C GLU B 78 -12.31 -10.74 -36.56
N ARG B 79 -11.51 -11.36 -37.43
CA ARG B 79 -10.53 -10.61 -38.20
C ARG B 79 -11.19 -9.78 -39.30
N LYS B 80 -12.25 -10.30 -39.92
CA LYS B 80 -12.91 -9.55 -40.98
C LYS B 80 -13.73 -8.37 -40.45
N GLU B 81 -14.22 -8.47 -39.22
CA GLU B 81 -15.05 -7.42 -38.65
C GLU B 81 -14.19 -6.36 -37.98
N GLU B 82 -14.58 -5.10 -38.14
CA GLU B 82 -13.85 -4.00 -37.51
C GLU B 82 -14.18 -3.87 -36.03
N THR B 83 -15.37 -4.31 -35.63
CA THR B 83 -15.79 -4.26 -34.24
C THR B 83 -15.61 -5.62 -33.57
N PHE B 84 -15.84 -5.66 -32.27
CA PHE B 84 -15.68 -6.89 -31.50
C PHE B 84 -16.89 -7.80 -31.73
N THR B 85 -16.62 -9.07 -32.03
CA THR B 85 -17.71 -10.01 -32.26
C THR B 85 -18.08 -10.72 -30.96
N PRO B 86 -19.31 -11.22 -30.86
CA PRO B 86 -19.73 -11.96 -29.67
C PRO B 86 -18.93 -13.25 -29.50
N MET B 87 -18.35 -13.42 -28.30
CA MET B 87 -17.55 -14.60 -28.02
C MET B 87 -18.45 -15.74 -27.55
N PRO B 88 -18.12 -17.00 -27.91
CA PRO B 88 -18.95 -18.14 -27.46
C PRO B 88 -19.23 -18.15 -25.97
N SER B 89 -18.23 -17.85 -25.15
CA SER B 89 -18.36 -17.85 -23.71
C SER B 89 -17.56 -16.67 -23.17
N PRO B 90 -17.92 -16.16 -21.99
CA PRO B 90 -17.19 -15.03 -21.41
C PRO B 90 -15.84 -15.39 -20.81
N TYR B 91 -15.44 -16.66 -20.83
CA TYR B 91 -14.16 -17.05 -20.25
C TYR B 91 -13.45 -18.06 -21.14
N TYR B 92 -13.43 -17.79 -22.45
CA TYR B 92 -12.87 -18.75 -23.40
C TYR B 92 -11.38 -18.99 -23.16
N MET B 93 -10.63 -17.96 -22.79
CA MET B 93 -9.18 -18.10 -22.64
C MET B 93 -8.83 -19.03 -21.48
N GLU B 94 -9.52 -18.87 -20.36
CA GLU B 94 -9.23 -19.70 -19.19
C GLU B 94 -9.65 -21.14 -19.43
N LEU B 95 -10.81 -21.34 -20.06
CA LEU B 95 -11.25 -22.71 -20.31
C LEU B 95 -10.32 -23.40 -21.29
N THR B 96 -9.77 -22.65 -22.26
CA THR B 96 -8.85 -23.24 -23.21
C THR B 96 -7.54 -23.60 -22.52
N LYS B 97 -7.00 -22.68 -21.73
CA LYS B 97 -5.76 -22.95 -21.01
C LYS B 97 -5.91 -24.18 -20.11
N LEU B 98 -6.94 -24.19 -19.26
CA LEU B 98 -7.10 -25.28 -18.31
C LEU B 98 -7.34 -26.61 -19.02
N LEU B 99 -8.20 -26.64 -20.03
CA LEU B 99 -8.48 -27.91 -20.69
C LEU B 99 -7.27 -28.43 -21.45
N LEU B 100 -6.53 -27.55 -22.14
CA LEU B 100 -5.37 -28.03 -22.88
C LEU B 100 -4.23 -28.43 -21.93
N ASN B 101 -4.15 -27.83 -20.75
CA ASN B 101 -3.09 -28.18 -19.81
C ASN B 101 -3.42 -29.44 -19.00
N HIS B 102 -4.71 -29.73 -18.79
CA HIS B 102 -5.09 -30.85 -17.95
C HIS B 102 -5.88 -31.94 -18.66
N ALA B 103 -6.14 -31.79 -19.96
CA ALA B 103 -6.92 -32.80 -20.68
C ALA B 103 -6.44 -32.92 -22.12
N SER B 104 -5.15 -32.77 -22.35
CA SER B 104 -4.64 -32.89 -23.71
C SER B 104 -4.85 -34.29 -24.28
N ASP B 105 -4.94 -35.31 -23.41
CA ASP B 105 -5.20 -36.67 -23.87
C ASP B 105 -6.63 -36.85 -24.36
N ASN B 106 -7.53 -35.94 -24.01
CA ASN B 106 -8.93 -36.01 -24.42
C ASN B 106 -9.30 -34.98 -25.48
N ILE B 107 -8.38 -34.09 -25.84
CA ILE B 107 -8.69 -33.05 -26.82
C ILE B 107 -7.79 -33.22 -28.04
N PRO B 108 -8.35 -33.58 -29.20
CA PRO B 108 -7.52 -33.71 -30.41
C PRO B 108 -7.04 -32.35 -30.90
N LYS B 109 -5.82 -32.34 -31.44
CA LYS B 109 -5.22 -31.14 -32.01
C LYS B 109 -5.16 -29.99 -31.01
N ALA B 110 -4.74 -30.30 -29.78
CA ALA B 110 -4.68 -29.28 -28.73
C ALA B 110 -3.76 -28.12 -29.13
N ASP B 111 -2.66 -28.42 -29.82
CA ASP B 111 -1.74 -27.36 -30.25
C ASP B 111 -2.42 -26.38 -31.19
N GLU B 112 -3.20 -26.89 -32.15
CA GLU B 112 -3.88 -26.01 -33.10
C GLU B 112 -4.94 -25.18 -32.40
N ILE B 113 -5.69 -25.79 -31.47
CA ILE B 113 -6.67 -25.03 -30.70
C ILE B 113 -5.99 -23.91 -29.93
N ARG B 114 -4.81 -24.20 -29.36
CA ARG B 114 -4.08 -23.19 -28.61
C ARG B 114 -3.62 -22.06 -29.52
N THR B 115 -3.19 -22.41 -30.73
CA THR B 115 -2.73 -21.39 -31.67
C THR B 115 -3.89 -20.51 -32.13
N LEU B 116 -5.04 -21.13 -32.40
CA LEU B 116 -6.21 -20.36 -32.82
C LEU B 116 -6.68 -19.43 -31.72
N VAL B 117 -6.68 -19.90 -30.47
CA VAL B 117 -7.13 -19.06 -29.37
C VAL B 117 -6.14 -17.93 -29.12
N LYS B 118 -4.84 -18.21 -29.28
CA LYS B 118 -3.85 -17.15 -29.11
C LYS B 118 -3.97 -16.11 -30.22
N ASP B 119 -4.30 -16.55 -31.43
CA ASP B 119 -4.47 -15.62 -32.54
C ASP B 119 -5.69 -14.73 -32.30
N MET B 120 -6.80 -15.33 -31.89
CA MET B 120 -7.99 -14.55 -31.56
C MET B 120 -7.68 -13.53 -30.47
N TRP B 121 -6.95 -13.95 -29.42
CA TRP B 121 -6.61 -13.03 -28.35
C TRP B 121 -5.78 -11.87 -28.87
N ASP B 122 -4.79 -12.17 -29.71
CA ASP B 122 -3.95 -11.13 -30.27
C ASP B 122 -4.76 -10.13 -31.08
N THR B 123 -5.64 -10.64 -31.95
CA THR B 123 -6.45 -9.73 -32.77
C THR B 123 -7.40 -8.88 -31.92
N ARG B 124 -7.95 -9.45 -30.84
CA ARG B 124 -8.83 -8.63 -30.01
C ARG B 124 -8.04 -7.59 -29.21
N ILE B 125 -6.82 -7.91 -28.79
CA ILE B 125 -6.04 -6.91 -28.07
C ILE B 125 -5.63 -5.79 -29.02
N ALA B 126 -5.29 -6.14 -30.26
CA ALA B 126 -4.95 -5.10 -31.24
C ALA B 126 -6.16 -4.22 -31.53
N LYS B 127 -7.34 -4.83 -31.66
CA LYS B 127 -8.54 -4.04 -31.90
C LYS B 127 -8.88 -3.16 -30.70
N LEU B 128 -8.63 -3.65 -29.48
CA LEU B 128 -8.83 -2.82 -28.30
C LEU B 128 -7.83 -1.67 -28.27
N ARG B 129 -6.63 -1.90 -28.78
CA ARG B 129 -5.64 -0.83 -28.82
C ARG B 129 -6.09 0.27 -29.78
N VAL B 130 -6.54 -0.13 -30.98
CA VAL B 130 -7.01 0.85 -31.95
C VAL B 130 -8.25 1.57 -31.43
N SER B 131 -9.11 0.86 -30.69
CA SER B 131 -10.31 1.49 -30.15
C SER B 131 -9.97 2.51 -29.09
N ALA B 132 -9.02 2.18 -28.20
CA ALA B 132 -8.61 3.14 -27.18
C ALA B 132 -7.92 4.34 -27.82
N ASP B 133 -7.16 4.11 -28.89
CA ASP B 133 -6.52 5.22 -29.59
C ASP B 133 -7.55 6.15 -30.21
N SER B 134 -8.60 5.59 -30.81
CA SER B 134 -9.64 6.42 -31.39
C SER B 134 -10.40 7.17 -30.30
N PHE B 135 -10.66 6.50 -29.18
CA PHE B 135 -11.37 7.13 -28.08
C PHE B 135 -10.59 8.31 -27.52
N VAL B 136 -9.28 8.14 -27.32
CA VAL B 136 -8.45 9.20 -26.77
C VAL B 136 -8.29 10.34 -27.75
N ARG B 137 -8.00 10.02 -29.02
CA ARG B 137 -7.71 11.06 -30.00
C ARG B 137 -8.89 12.00 -30.21
N GLN B 138 -10.12 11.51 -30.10
CA GLN B 138 -11.30 12.35 -30.28
C GLN B 138 -11.82 12.92 -28.97
N GLN B 139 -11.12 12.69 -27.86
CA GLN B 139 -11.51 13.17 -26.53
C GLN B 139 -12.98 12.84 -26.25
N GLU B 140 -13.35 11.59 -26.49
CA GLU B 140 -14.70 11.12 -26.26
C GLU B 140 -14.92 10.81 -24.78
N ALA B 141 -16.20 10.82 -24.39
CA ALA B 141 -16.59 10.54 -23.01
C ALA B 141 -17.43 9.28 -22.89
N HIS B 142 -17.77 8.62 -23.99
CA HIS B 142 -18.58 7.42 -23.96
C HIS B 142 -18.16 6.48 -25.09
N ALA B 143 -18.26 5.18 -24.82
CA ALA B 143 -17.91 4.15 -25.78
C ALA B 143 -18.64 2.88 -25.41
N LYS B 144 -19.11 2.14 -26.42
CA LYS B 144 -19.80 0.87 -26.20
C LYS B 144 -18.82 -0.28 -26.42
N LEU B 145 -18.92 -1.30 -25.57
CA LEU B 145 -18.01 -2.44 -25.64
C LEU B 145 -18.67 -3.71 -25.09
N ASP B 146 -19.89 -4.00 -25.54
CA ASP B 146 -20.62 -5.15 -25.00
C ASP B 146 -19.88 -6.48 -25.18
N ASN B 147 -19.14 -6.63 -26.28
CA ASN B 147 -18.51 -7.90 -26.59
C ASN B 147 -17.15 -8.11 -25.92
N LEU B 148 -16.59 -7.10 -25.28
CA LEU B 148 -15.29 -7.28 -24.64
C LEU B 148 -15.40 -8.20 -23.44
N THR B 149 -14.35 -9.00 -23.23
CA THR B 149 -14.33 -9.99 -22.17
C THR B 149 -13.70 -9.42 -20.90
N LEU B 150 -13.99 -10.08 -19.78
CA LEU B 150 -13.48 -9.64 -18.48
C LEU B 150 -11.96 -9.69 -18.41
N MET B 151 -11.35 -10.71 -19.03
CA MET B 151 -9.90 -10.86 -18.94
C MET B 151 -9.16 -9.68 -19.55
N GLU B 152 -9.61 -9.19 -20.71
CA GLU B 152 -8.93 -8.08 -21.36
C GLU B 152 -9.14 -6.78 -20.59
N ILE B 153 -10.39 -6.52 -20.19
CA ILE B 153 -10.70 -5.33 -19.42
C ILE B 153 -9.87 -5.30 -18.14
N ASN B 154 -9.78 -6.44 -17.45
CA ASN B 154 -8.98 -6.45 -16.22
C ASN B 154 -7.50 -6.32 -16.52
N THR B 155 -7.07 -6.81 -17.69
CA THR B 155 -5.65 -6.76 -18.04
C THR B 155 -5.18 -5.32 -18.29
N SER B 156 -6.03 -4.48 -18.88
CA SER B 156 -5.59 -3.13 -19.24
C SER B 156 -6.43 -2.01 -18.63
N GLY B 157 -7.32 -2.30 -17.67
CA GLY B 157 -8.18 -1.25 -17.15
C GLY B 157 -7.52 -0.27 -16.22
N THR B 158 -6.50 -0.68 -15.47
CA THR B 158 -5.86 0.28 -14.60
C THR B 158 -5.07 1.29 -15.41
N PHE B 159 -4.49 0.84 -16.54
CA PHE B 159 -3.77 1.75 -17.41
C PHE B 159 -4.73 2.69 -18.10
N LEU B 160 -5.81 2.14 -18.66
CA LEU B 160 -6.76 2.98 -19.38
C LEU B 160 -7.41 3.99 -18.45
N THR B 161 -7.76 3.58 -17.23
CA THR B 161 -8.38 4.52 -16.30
C THR B 161 -7.40 5.57 -15.81
N GLN B 162 -6.12 5.22 -15.63
CA GLN B 162 -5.16 6.26 -15.24
C GLN B 162 -4.99 7.28 -16.37
N ALA B 163 -4.95 6.79 -17.61
CA ALA B 163 -4.80 7.70 -18.74
C ALA B 163 -6.01 8.61 -18.87
N LEU B 164 -7.21 8.06 -18.69
CA LEU B 164 -8.42 8.89 -18.76
C LEU B 164 -8.47 9.89 -17.62
N ASN B 165 -8.02 9.49 -16.42
CA ASN B 165 -7.96 10.45 -15.32
C ASN B 165 -7.04 11.60 -15.65
N HIS B 166 -5.87 11.31 -16.21
CA HIS B 166 -4.94 12.38 -16.58
C HIS B 166 -5.53 13.28 -17.65
N MET B 167 -6.21 12.68 -18.64
CA MET B 167 -6.82 13.49 -19.69
C MET B 167 -7.94 14.37 -19.13
N TYR B 168 -8.70 13.86 -18.17
CA TYR B 168 -9.75 14.67 -17.55
C TYR B 168 -9.16 15.82 -16.75
N LYS B 169 -8.06 15.57 -16.03
CA LYS B 169 -7.43 16.63 -15.26
C LYS B 169 -6.90 17.71 -16.18
N LEU B 170 -6.21 17.33 -17.25
CA LEU B 170 -5.70 18.33 -18.20
C LEU B 170 -6.84 19.07 -18.90
N ARG B 171 -7.94 18.38 -19.19
CA ARG B 171 -9.07 18.99 -19.89
C ARG B 171 -9.85 19.97 -19.01
N THR B 172 -9.77 19.83 -17.68
CA THR B 172 -10.58 20.65 -16.77
C THR B 172 -9.72 21.50 -15.84
N ASN B 173 -8.46 21.73 -16.18
CA ASN B 173 -7.58 22.52 -15.32
C ASN B 173 -7.79 24.02 -15.48
N LEU B 174 -8.57 24.46 -16.47
CA LEU B 174 -8.79 25.88 -16.71
C LEU B 174 -9.90 26.43 -15.83
N GLN B 175 -9.78 26.26 -14.51
CA GLN B 175 -10.77 26.77 -13.59
C GLN B 175 -10.12 27.20 -12.27
N MET C 1 -4.05 -9.86 -5.67
CA MET C 1 -4.30 -8.43 -5.84
C MET C 1 -3.01 -7.69 -6.18
N SER C 2 -2.96 -6.42 -5.80
CA SER C 2 -1.80 -5.56 -6.04
C SER C 2 -0.93 -5.49 -4.80
N GLU C 3 0.24 -4.86 -4.96
CA GLU C 3 1.17 -4.75 -3.85
C GLU C 3 0.62 -3.84 -2.75
N ALA C 4 0.81 -4.26 -1.51
CA ALA C 4 0.35 -3.51 -0.34
C ALA C 4 0.82 -2.06 -0.31
N TYR C 5 1.87 -1.70 -1.05
CA TYR C 5 2.42 -0.36 -1.03
C TYR C 5 2.11 0.38 -2.32
N PHE C 6 1.57 1.59 -2.19
CA PHE C 6 1.33 2.50 -3.30
C PHE C 6 1.82 3.89 -2.95
N ARG C 7 2.63 4.48 -3.84
CA ARG C 7 3.07 5.84 -3.62
C ARG C 7 1.86 6.76 -3.57
N VAL C 8 1.99 7.85 -2.81
CA VAL C 8 0.90 8.83 -2.77
C VAL C 8 0.80 9.49 -4.14
N GLU C 9 -0.41 9.51 -4.69
CA GLU C 9 -0.57 10.04 -6.04
C GLU C 9 -0.38 11.54 -6.05
N SER C 10 0.11 12.05 -7.18
CA SER C 10 0.35 13.48 -7.32
C SER C 10 -0.97 14.23 -7.51
N GLY C 11 -1.08 15.39 -6.88
CA GLY C 11 -2.17 16.30 -7.11
C GLY C 11 -1.78 17.52 -7.92
N ALA C 12 -0.60 17.53 -8.53
CA ALA C 12 -0.08 18.72 -9.18
C ALA C 12 -0.95 19.16 -10.34
N LEU C 13 -1.62 18.23 -11.01
CA LEU C 13 -2.44 18.56 -12.17
C LEU C 13 -3.81 19.08 -11.79
N GLY C 14 -4.15 19.07 -10.50
CA GLY C 14 -5.43 19.58 -10.06
C GLY C 14 -5.34 21.04 -9.63
N PRO C 15 -6.40 21.52 -8.98
CA PRO C 15 -6.42 22.94 -8.57
C PRO C 15 -5.33 23.30 -7.57
N GLU C 16 -4.94 22.36 -6.71
CA GLU C 16 -3.93 22.62 -5.69
C GLU C 16 -2.96 21.45 -5.63
N GLU C 17 -1.74 21.75 -5.17
CA GLU C 17 -0.74 20.71 -4.99
C GLU C 17 -1.21 19.69 -3.95
N ASN C 18 -0.74 18.46 -4.11
CA ASN C 18 -0.98 17.42 -3.11
C ASN C 18 0.03 17.58 -1.98
N PHE C 19 -0.48 17.79 -0.76
CA PHE C 19 0.38 18.14 0.36
C PHE C 19 1.43 17.08 0.66
N LEU C 20 1.07 15.81 0.48
CA LEU C 20 1.93 14.70 0.90
C LEU C 20 2.65 14.02 -0.26
N SER C 21 2.52 14.52 -1.48
CA SER C 21 3.11 13.85 -2.63
C SER C 21 4.59 14.18 -2.72
N LEU C 22 5.43 13.14 -2.77
CA LEU C 22 6.86 13.36 -2.92
C LEU C 22 7.19 13.95 -4.29
N ASP C 23 6.50 13.48 -5.33
CA ASP C 23 6.73 14.04 -6.66
C ASP C 23 6.37 15.51 -6.71
N ASP C 24 5.28 15.90 -6.03
CA ASP C 24 4.89 17.30 -5.99
C ASP C 24 5.93 18.15 -5.27
N ILE C 25 6.49 17.64 -4.17
CA ILE C 25 7.53 18.39 -3.46
C ILE C 25 8.76 18.54 -4.33
N LEU C 26 9.17 17.46 -5.02
CA LEU C 26 10.33 17.54 -5.89
C LEU C 26 10.10 18.54 -7.02
N MET C 27 8.88 18.54 -7.57
CA MET C 27 8.51 19.53 -8.58
C MET C 27 8.60 20.94 -8.01
N SER C 28 8.08 21.14 -6.80
CA SER C 28 8.05 22.46 -6.17
C SER C 28 9.42 22.93 -5.72
N HIS C 29 10.43 22.06 -5.72
CA HIS C 29 11.77 22.49 -5.37
C HIS C 29 12.55 23.05 -6.57
N GLU C 30 12.05 22.86 -7.78
CA GLU C 30 12.70 23.45 -8.94
C GLU C 30 12.64 24.97 -8.90
N LYS C 31 13.71 25.61 -9.34
CA LYS C 31 13.82 27.07 -9.28
C LYS C 31 13.30 27.70 -10.57
N LEU C 32 12.70 28.87 -10.43
CA LEU C 32 12.23 29.65 -11.56
C LEU C 32 12.65 31.11 -11.42
N PRO C 33 12.86 31.79 -12.55
CA PRO C 33 13.28 33.20 -12.50
C PRO C 33 12.16 34.15 -12.08
N VAL C 34 12.51 35.08 -11.20
CA VAL C 34 11.61 36.11 -10.68
C VAL C 34 12.34 37.44 -10.68
N ARG C 35 11.57 38.52 -10.64
CA ARG C 35 12.11 39.87 -10.54
C ARG C 35 11.55 40.54 -9.30
N THR C 36 12.42 41.18 -8.54
CA THR C 36 12.03 41.87 -7.31
C THR C 36 11.40 43.22 -7.63
N GLU C 37 10.22 43.47 -7.07
CA GLU C 37 9.56 44.75 -7.24
C GLU C 37 9.82 45.70 -6.08
N THR C 38 10.14 45.18 -4.90
CA THR C 38 10.47 46.00 -3.74
C THR C 38 11.78 45.48 -3.14
N ALA C 39 12.50 46.40 -2.50
CA ALA C 39 13.74 46.03 -1.83
C ALA C 39 13.47 45.14 -0.62
N MET C 40 14.29 44.11 -0.45
CA MET C 40 14.15 43.17 0.67
C MET C 40 15.38 43.23 1.56
N PRO C 41 15.30 43.92 2.70
CA PRO C 41 16.48 44.03 3.57
C PRO C 41 16.87 42.70 4.19
N ARG C 42 18.17 42.56 4.46
CA ARG C 42 18.76 41.48 5.26
C ARG C 42 18.78 40.14 4.55
N LEU C 43 18.59 40.11 3.23
CA LEU C 43 18.62 38.86 2.48
C LEU C 43 19.87 38.69 1.65
N GLY C 44 20.79 39.65 1.67
CA GLY C 44 21.98 39.56 0.84
C GLY C 44 22.86 38.37 1.15
N ALA C 45 22.85 37.91 2.41
CA ALA C 45 23.69 36.78 2.78
C ALA C 45 23.27 35.50 2.09
N PHE C 46 22.00 35.42 1.66
CA PHE C 46 21.47 34.25 0.97
C PHE C 46 21.54 34.38 -0.54
N PHE C 47 21.72 35.61 -1.02
CA PHE C 47 21.85 35.95 -2.44
C PHE C 47 23.14 36.72 -2.66
N LEU C 48 24.26 36.13 -2.21
CA LEU C 48 25.54 36.84 -2.11
C LEU C 48 25.90 37.56 -3.41
N GLU C 49 25.68 36.91 -4.55
CA GLU C 49 26.00 37.55 -5.82
C GLU C 49 25.14 38.78 -6.09
N ARG C 50 24.12 39.03 -5.28
CA ARG C 50 23.24 40.17 -5.45
C ARG C 50 23.36 41.16 -4.29
N SER C 51 24.31 40.94 -3.38
CA SER C 51 24.53 41.80 -2.23
C SER C 51 25.11 43.13 -2.67
N ALA C 52 24.25 44.12 -2.93
CA ALA C 52 24.69 45.43 -3.36
C ALA C 52 25.67 46.04 -2.36
N GLY C 53 26.96 46.00 -2.70
CA GLY C 53 27.98 46.55 -1.83
C GLY C 53 27.99 45.87 -0.47
N ALA C 54 27.98 46.71 0.59
CA ALA C 54 27.98 46.17 1.96
C ALA C 54 27.51 47.19 2.98
N GLU C 55 26.79 48.25 2.58
CA GLU C 55 26.32 49.26 3.50
C GLU C 55 24.81 49.48 3.41
N THR C 56 24.08 48.57 2.77
CA THR C 56 22.63 48.67 2.63
C THR C 56 21.93 47.54 3.38
N ASP C 57 22.53 47.09 4.48
CA ASP C 57 21.99 46.01 5.31
C ASP C 57 21.61 44.79 4.47
N ASN C 58 22.53 44.42 3.57
CA ASN C 58 22.36 43.25 2.69
C ASN C 58 20.98 43.21 2.03
N ALA C 59 20.39 44.37 1.77
CA ALA C 59 19.11 44.43 1.10
C ALA C 59 19.22 43.85 -0.31
N VAL C 60 18.16 43.15 -0.73
CA VAL C 60 17.98 42.79 -2.14
C VAL C 60 17.46 44.00 -2.89
N PRO C 61 18.22 44.55 -3.83
CA PRO C 61 17.77 45.76 -4.52
C PRO C 61 16.54 45.48 -5.37
N GLN C 62 15.80 46.55 -5.65
CA GLN C 62 14.64 46.45 -6.54
C GLN C 62 15.11 46.12 -7.96
N GLY C 63 14.36 45.24 -8.62
CA GLY C 63 14.67 44.85 -9.98
C GLY C 63 15.66 43.72 -10.11
N SER C 64 16.06 43.11 -9.01
CA SER C 64 17.03 42.01 -9.06
C SER C 64 16.38 40.75 -9.62
N LYS C 65 17.05 40.11 -10.56
CA LYS C 65 16.61 38.83 -11.10
C LYS C 65 17.15 37.69 -10.24
N LEU C 66 16.24 36.91 -9.66
CA LEU C 66 16.59 35.82 -8.76
C LEU C 66 15.99 34.51 -9.27
N GLU C 67 16.55 33.40 -8.82
CA GLU C 67 15.96 32.08 -9.03
C GLU C 67 15.38 31.59 -7.70
N LEU C 68 14.06 31.49 -7.64
CA LEU C 68 13.43 31.05 -6.40
C LEU C 68 12.64 29.77 -6.61
N PRO C 69 12.56 28.90 -5.61
CA PRO C 69 11.73 27.70 -5.73
C PRO C 69 10.26 28.04 -5.91
N LEU C 70 9.55 27.14 -6.60
CA LEU C 70 8.15 27.38 -6.93
C LEU C 70 7.31 27.61 -5.68
N TRP C 71 7.54 26.82 -4.63
CA TRP C 71 6.72 26.93 -3.43
C TRP C 71 6.87 28.31 -2.79
N LEU C 72 8.07 28.86 -2.80
CA LEU C 72 8.30 30.16 -2.20
C LEU C 72 7.65 31.27 -3.00
N ALA C 73 7.77 31.20 -4.32
CA ALA C 73 7.10 32.18 -5.18
C ALA C 73 5.59 32.12 -5.00
N LYS C 74 5.03 30.90 -4.92
CA LYS C 74 3.60 30.76 -4.70
C LYS C 74 3.20 31.33 -3.35
N GLY C 75 4.03 31.16 -2.33
CA GLY C 75 3.70 31.68 -1.01
C GLY C 75 3.77 33.18 -0.94
N LEU C 76 4.70 33.80 -1.69
CA LEU C 76 4.85 35.24 -1.65
C LEU C 76 4.07 35.97 -2.75
N PHE C 77 3.57 35.27 -3.75
CA PHE C 77 2.89 35.90 -4.88
C PHE C 77 1.54 36.45 -4.45
N ASP C 78 1.46 37.77 -4.34
CA ASP C 78 0.22 38.46 -3.97
C ASP C 78 -0.04 39.54 -5.00
N ASN C 79 -1.21 39.47 -5.66
CA ASN C 79 -1.53 40.42 -6.70
C ASN C 79 -1.68 41.84 -6.19
N LYS C 80 -1.88 42.02 -4.87
CA LYS C 80 -2.13 43.34 -4.32
C LYS C 80 -0.82 44.02 -3.90
N ARG C 81 0.05 43.30 -3.20
CA ARG C 81 1.30 43.89 -2.74
C ARG C 81 2.38 43.86 -3.81
N ARG C 82 2.23 43.02 -4.82
CA ARG C 82 3.18 42.92 -5.95
C ARG C 82 4.62 42.89 -5.46
N ILE C 83 4.92 41.89 -4.63
CA ILE C 83 6.26 41.74 -4.09
C ILE C 83 7.24 41.32 -5.17
N LEU C 84 6.82 40.41 -6.06
CA LEU C 84 7.69 39.91 -7.12
C LEU C 84 6.87 39.69 -8.38
N SER C 85 7.57 39.74 -9.51
CA SER C 85 6.98 39.44 -10.81
C SER C 85 7.59 38.15 -11.36
N VAL C 86 6.74 37.32 -11.97
CA VAL C 86 7.13 35.99 -12.44
C VAL C 86 7.36 36.05 -13.94
N GLU C 87 8.48 35.51 -14.40
CA GLU C 87 8.78 35.39 -15.81
C GLU C 87 8.59 33.95 -16.28
N LEU C 88 8.17 33.80 -17.53
CA LEU C 88 7.93 32.47 -18.09
C LEU C 88 9.25 31.78 -18.39
N PRO C 89 9.44 30.53 -17.97
CA PRO C 89 10.62 29.77 -18.39
C PRO C 89 10.63 29.55 -19.90
N LYS C 90 11.83 29.30 -20.43
CA LYS C 90 12.00 29.21 -21.87
C LYS C 90 11.13 28.11 -22.48
N ILE C 91 11.02 26.97 -21.79
CA ILE C 91 10.34 25.81 -22.37
C ILE C 91 8.84 26.03 -22.53
N TYR C 92 8.29 27.09 -21.91
CA TYR C 92 6.87 27.38 -21.97
C TYR C 92 6.56 28.52 -22.93
N GLN C 93 7.57 29.17 -23.48
CA GLN C 93 7.38 30.26 -24.43
C GLN C 93 6.81 29.72 -25.75
N GLU C 94 6.48 30.67 -26.64
CA GLU C 94 5.77 30.33 -27.87
C GLU C 94 6.57 29.38 -28.76
N GLY C 95 7.88 29.61 -28.88
CA GLY C 95 8.71 28.73 -29.72
C GLY C 95 8.63 27.28 -29.29
N TRP C 96 8.76 27.02 -27.99
CA TRP C 96 8.78 25.63 -27.53
C TRP C 96 7.38 25.03 -27.59
N ARG C 97 6.35 25.84 -27.31
CA ARG C 97 4.98 25.39 -27.48
C ARG C 97 4.71 25.01 -28.93
N THR C 98 5.32 25.74 -29.88
CA THR C 98 5.19 25.40 -31.28
C THR C 98 5.92 24.10 -31.60
N VAL C 99 7.08 23.88 -30.99
CA VAL C 99 7.79 22.62 -31.17
C VAL C 99 6.94 21.47 -30.66
N PHE C 100 6.26 21.67 -29.53
CA PHE C 100 5.37 20.62 -29.00
C PHE C 100 4.19 20.39 -29.93
N SER C 101 3.64 21.45 -30.49
CA SER C 101 2.54 21.31 -31.44
C SER C 101 3.00 20.59 -32.70
N ALA C 102 4.27 20.75 -33.06
CA ALA C 102 4.81 20.10 -34.25
C ALA C 102 4.98 18.61 -34.01
N ASP C 103 5.78 18.24 -33.01
CA ASP C 103 5.92 16.82 -32.71
C ASP C 103 6.28 16.58 -31.25
N PRO C 104 5.33 16.11 -30.44
CA PRO C 104 5.62 15.93 -29.00
C PRO C 104 6.53 14.74 -28.70
N ASN C 105 6.67 13.79 -29.63
CA ASN C 105 7.43 12.58 -29.35
C ASN C 105 8.94 12.78 -29.39
N VAL C 106 9.41 13.90 -29.94
CA VAL C 106 10.84 14.13 -30.10
C VAL C 106 11.48 14.72 -28.85
N VAL C 107 10.68 15.18 -27.88
CA VAL C 107 11.19 15.93 -26.75
C VAL C 107 11.49 14.98 -25.60
N ASP C 108 12.68 15.11 -25.04
CA ASP C 108 13.07 14.39 -23.83
C ASP C 108 12.52 15.14 -22.62
N LEU C 109 11.37 14.67 -22.11
CA LEU C 109 10.71 15.40 -21.03
C LEU C 109 11.47 15.26 -19.72
N HIS C 110 12.09 14.10 -19.48
CA HIS C 110 12.85 13.90 -18.25
C HIS C 110 14.05 14.83 -18.17
N LYS C 111 14.75 15.01 -19.30
CA LYS C 111 15.93 15.87 -19.31
C LYS C 111 15.56 17.33 -19.08
N MET C 112 14.40 17.76 -19.59
CA MET C 112 14.02 19.16 -19.46
C MET C 112 13.42 19.47 -18.10
N GLY C 113 12.80 18.47 -17.47
CA GLY C 113 12.21 18.64 -16.17
C GLY C 113 11.49 17.38 -15.72
N PRO C 114 11.99 16.74 -14.66
CA PRO C 114 11.42 15.45 -14.24
C PRO C 114 9.95 15.52 -13.86
N HIS C 115 9.40 16.71 -13.67
CA HIS C 115 7.99 16.92 -13.35
C HIS C 115 7.36 17.92 -14.31
N PHE C 116 7.54 17.70 -15.61
CA PHE C 116 7.14 18.68 -16.62
C PHE C 116 5.65 19.02 -16.50
N TYR C 117 4.80 18.00 -16.42
CA TYR C 117 3.36 18.25 -16.44
C TYR C 117 2.90 18.90 -15.14
N GLY C 118 3.33 18.37 -14.01
CA GLY C 118 2.95 18.95 -12.73
C GLY C 118 3.38 20.40 -12.60
N PHE C 119 4.64 20.68 -12.95
CA PHE C 119 5.15 22.05 -12.88
C PHE C 119 4.39 22.98 -13.81
N GLY C 120 4.15 22.54 -15.05
CA GLY C 120 3.38 23.36 -15.97
C GLY C 120 1.97 23.64 -15.45
N SER C 121 1.32 22.63 -14.88
CA SER C 121 -0.03 22.82 -14.35
C SER C 121 -0.02 23.77 -13.16
N GLN C 122 1.01 23.70 -12.32
CA GLN C 122 1.08 24.59 -11.16
C GLN C 122 1.45 26.01 -11.55
N LEU C 123 2.13 26.20 -12.69
CA LEU C 123 2.45 27.55 -13.14
C LEU C 123 1.20 28.37 -13.42
N LEU C 124 0.07 27.71 -13.68
CA LEU C 124 -1.17 28.40 -14.03
C LEU C 124 -1.79 29.15 -12.88
N HIS C 125 -1.25 29.05 -11.66
CA HIS C 125 -1.79 29.79 -10.54
C HIS C 125 -1.47 31.27 -10.63
N PHE C 126 -0.47 31.65 -11.44
CA PHE C 126 -0.13 33.05 -11.65
C PHE C 126 -0.97 33.61 -12.77
N ASP C 127 -1.46 34.84 -12.58
CA ASP C 127 -2.33 35.46 -13.58
C ASP C 127 -1.52 35.77 -14.83
N SER C 128 -1.85 35.09 -15.93
CA SER C 128 -1.19 35.32 -17.20
C SER C 128 -2.18 35.07 -18.33
N PRO C 129 -2.17 35.90 -19.37
CA PRO C 129 -3.09 35.67 -20.50
C PRO C 129 -2.83 34.38 -21.25
N GLU C 130 -1.68 33.73 -21.04
CA GLU C 130 -1.28 32.55 -21.80
C GLU C 130 -1.66 31.24 -21.11
N ASN C 131 -2.41 31.30 -20.00
CA ASN C 131 -2.71 30.09 -19.24
C ASN C 131 -3.44 29.06 -20.09
N ALA C 132 -4.41 29.51 -20.89
CA ALA C 132 -5.16 28.59 -21.74
C ALA C 132 -4.25 27.92 -22.75
N ASP C 133 -3.32 28.69 -23.34
CA ASP C 133 -2.42 28.11 -24.32
C ASP C 133 -1.50 27.07 -23.68
N ILE C 134 -1.05 27.34 -22.45
CA ILE C 134 -0.20 26.37 -21.74
C ILE C 134 -0.97 25.09 -21.49
N SER C 135 -2.20 25.20 -20.99
CA SER C 135 -3.03 24.02 -20.75
C SER C 135 -3.23 23.24 -22.04
N GLN C 136 -3.55 23.94 -23.13
CA GLN C 136 -3.78 23.28 -24.41
C GLN C 136 -2.53 22.55 -24.89
N SER C 137 -1.36 23.20 -24.76
CA SER C 137 -0.12 22.56 -25.17
C SER C 137 0.15 21.30 -24.36
N LEU C 138 -0.06 21.36 -23.05
CA LEU C 138 0.13 20.18 -22.21
C LEU C 138 -0.79 19.05 -22.64
N LEU C 139 -2.06 19.36 -22.87
CA LEU C 139 -3.03 18.33 -23.25
C LEU C 139 -2.66 17.72 -24.60
N GLN C 140 -2.33 18.57 -25.57
CA GLN C 140 -1.98 18.06 -26.90
C GLN C 140 -0.73 17.19 -26.85
N THR C 141 0.28 17.60 -26.06
CA THR C 141 1.47 16.77 -25.92
C THR C 141 1.14 15.41 -25.31
N PHE C 142 0.32 15.40 -24.25
CA PHE C 142 -0.06 14.14 -23.62
C PHE C 142 -0.75 13.23 -24.62
N ILE C 143 -1.73 13.77 -25.36
CA ILE C 143 -2.44 12.99 -26.36
C ILE C 143 -1.48 12.48 -27.42
N GLY C 144 -0.55 13.33 -27.87
CA GLY C 144 0.39 12.93 -28.89
C GLY C 144 1.35 11.85 -28.46
N ARG C 145 1.60 11.73 -27.15
CA ARG C 145 2.56 10.75 -26.66
C ARG C 145 1.90 9.47 -26.16
N PHE C 146 0.58 9.50 -25.95
CA PHE C 146 -0.12 8.35 -25.38
C PHE C 146 0.02 7.12 -26.27
N ARG C 147 -0.16 7.28 -27.58
CA ARG C 147 -0.12 6.14 -28.48
C ARG C 147 1.24 5.45 -28.42
N ARG C 148 2.32 6.23 -28.48
CA ARG C 148 3.65 5.64 -28.38
C ARG C 148 3.84 4.96 -27.04
N ILE C 149 3.28 5.55 -25.97
CA ILE C 149 3.38 4.91 -24.66
C ILE C 149 2.71 3.53 -24.69
N MET C 150 1.54 3.44 -25.30
CA MET C 150 0.84 2.16 -25.41
C MET C 150 1.64 1.16 -26.23
N ASP C 151 2.14 1.59 -27.39
CA ASP C 151 2.90 0.69 -28.25
C ASP C 151 4.12 0.14 -27.54
N SER C 152 4.89 1.01 -26.86
CA SER C 152 6.07 0.53 -26.16
C SER C 152 5.72 -0.34 -24.96
N SER C 153 4.69 0.03 -24.19
CA SER C 153 4.33 -0.75 -23.02
C SER C 153 3.85 -2.14 -23.39
N GLN C 154 3.16 -2.28 -24.52
CA GLN C 154 2.62 -3.58 -24.89
C GLN C 154 3.62 -4.44 -25.66
N ASN C 155 4.69 -3.85 -26.21
CA ASN C 155 5.68 -4.58 -26.99
C ASN C 155 7.07 -4.52 -26.38
N ALA C 156 7.20 -4.10 -25.11
CA ALA C 156 8.51 -3.91 -24.50
C ALA C 156 9.35 -5.18 -24.48
N TYR C 157 8.72 -6.36 -24.51
CA TYR C 157 9.47 -7.60 -24.47
C TYR C 157 10.26 -7.83 -25.77
N ASN C 158 9.79 -7.27 -26.88
CA ASN C 158 10.34 -7.57 -28.18
C ASN C 158 11.21 -6.44 -28.74
N GLU C 159 11.29 -5.31 -28.06
CA GLU C 159 12.00 -4.14 -28.54
C GLU C 159 12.73 -3.50 -27.38
N ASP C 160 13.95 -3.02 -27.64
CA ASP C 160 14.69 -2.27 -26.64
C ASP C 160 13.99 -0.95 -26.37
N THR C 161 13.38 -0.83 -25.19
CA THR C 161 12.59 0.35 -24.82
C THR C 161 13.32 1.25 -23.83
N SER C 162 14.62 1.02 -23.62
CA SER C 162 15.34 1.76 -22.59
C SER C 162 15.46 3.24 -22.95
N ALA C 163 15.73 3.54 -24.22
CA ALA C 163 15.91 4.94 -24.63
C ALA C 163 14.64 5.74 -24.42
N LEU C 164 13.48 5.17 -24.75
CA LEU C 164 12.23 5.89 -24.53
C LEU C 164 11.91 6.01 -23.05
N VAL C 165 12.07 4.93 -22.29
CA VAL C 165 11.71 4.96 -20.87
C VAL C 165 12.60 5.93 -20.11
N ALA C 166 13.85 6.10 -20.55
CA ALA C 166 14.73 7.04 -19.87
C ALA C 166 14.28 8.48 -20.05
N ARG C 167 13.47 8.76 -21.08
CA ARG C 167 13.02 10.10 -21.40
C ARG C 167 11.65 10.42 -20.83
N LEU C 168 11.00 9.47 -20.17
CA LEU C 168 9.64 9.62 -19.70
C LEU C 168 9.60 10.41 -18.39
N ASP C 169 8.51 11.17 -18.22
CA ASP C 169 8.25 11.86 -16.97
C ASP C 169 7.94 10.84 -15.87
N GLU C 170 8.02 11.29 -14.62
CA GLU C 170 7.87 10.39 -13.49
C GLU C 170 6.47 9.78 -13.46
N MET C 171 5.44 10.58 -13.70
CA MET C 171 4.09 10.05 -13.81
C MET C 171 3.97 9.12 -15.00
N GLU C 172 4.57 9.50 -16.13
CA GLU C 172 4.57 8.64 -17.30
C GLU C 172 5.31 7.34 -17.02
N ARG C 173 6.44 7.42 -16.32
CA ARG C 173 7.16 6.21 -15.93
C ARG C 173 6.30 5.31 -15.04
N GLY C 174 5.59 5.90 -14.08
CA GLY C 174 4.69 5.11 -13.25
C GLY C 174 3.61 4.41 -14.07
N LEU C 175 3.02 5.13 -15.02
CA LEU C 175 2.01 4.54 -15.89
C LEU C 175 2.59 3.39 -16.70
N PHE C 176 3.78 3.59 -17.27
CA PHE C 176 4.47 2.54 -18.00
C PHE C 176 4.70 1.33 -17.11
N GLN C 177 5.13 1.56 -15.86
CA GLN C 177 5.40 0.47 -14.95
C GLN C 177 4.12 -0.31 -14.65
N THR C 178 3.00 0.40 -14.45
CA THR C 178 1.73 -0.29 -14.22
C THR C 178 1.34 -1.15 -15.41
N GLY C 179 1.46 -0.60 -16.63
CA GLY C 179 1.17 -1.40 -17.81
C GLY C 179 2.07 -2.62 -17.93
N GLN C 180 3.37 -2.44 -17.66
CA GLN C 180 4.29 -3.56 -17.71
C GLN C 180 3.94 -4.61 -16.66
N LYS C 181 3.55 -4.17 -15.47
CA LYS C 181 3.12 -5.09 -14.42
C LYS C 181 1.93 -5.92 -14.89
N GLY C 182 0.93 -5.27 -15.48
CA GLY C 182 -0.20 -6.01 -16.03
C GLY C 182 0.23 -7.03 -17.07
N LEU C 183 1.12 -6.62 -17.98
CA LEU C 183 1.59 -7.53 -19.02
C LEU C 183 2.33 -8.72 -18.42
N ASN C 184 3.21 -8.45 -17.46
CA ASN C 184 3.96 -9.51 -16.79
C ASN C 184 3.03 -10.48 -16.08
N ASP C 185 2.01 -9.96 -15.40
CA ASP C 185 1.05 -10.83 -14.74
C ASP C 185 0.33 -11.72 -15.75
N PHE C 186 -0.10 -11.14 -16.88
CA PHE C 186 -0.74 -11.97 -17.90
C PHE C 186 0.19 -13.05 -18.42
N GLN C 187 1.45 -12.69 -18.71
CA GLN C 187 2.39 -13.67 -19.23
C GLN C 187 2.66 -14.78 -18.22
N CYS C 188 2.82 -14.42 -16.95
CA CYS C 188 3.03 -15.43 -15.91
C CYS C 188 1.82 -16.34 -15.80
N TRP C 189 0.62 -15.78 -15.92
CA TRP C 189 -0.59 -16.59 -15.87
C TRP C 189 -0.66 -17.56 -17.04
N GLU C 190 -0.31 -17.09 -18.25
CA GLU C 190 -0.38 -17.94 -19.43
C GLU C 190 0.56 -19.14 -19.33
N LYS C 191 1.71 -18.97 -18.70
CA LYS C 191 2.65 -20.07 -18.50
C LYS C 191 2.39 -20.84 -17.21
N GLY C 192 1.35 -20.47 -16.45
CA GLY C 192 1.06 -21.13 -15.20
C GLY C 192 1.94 -20.73 -14.04
N GLN C 193 2.69 -19.64 -14.15
CA GLN C 193 3.59 -19.20 -13.10
C GLN C 193 2.95 -18.19 -12.16
N ALA C 194 1.70 -17.79 -12.42
CA ALA C 194 1.07 -16.75 -11.61
C ALA C 194 0.81 -17.21 -10.18
N SER C 195 0.67 -18.51 -9.96
CA SER C 195 0.35 -19.03 -8.63
C SER C 195 1.62 -19.38 -7.86
N LEU D 60 -32.91 -14.71 -2.36
CA LEU D 60 -33.24 -15.38 -1.11
C LEU D 60 -32.57 -16.75 -1.04
N THR D 61 -32.18 -17.27 -2.19
CA THR D 61 -31.53 -18.57 -2.29
C THR D 61 -30.03 -18.43 -2.10
N PRO D 62 -29.34 -19.51 -1.71
CA PRO D 62 -27.89 -19.44 -1.56
C PRO D 62 -27.17 -18.99 -2.83
N ALA D 63 -27.60 -19.49 -3.99
CA ALA D 63 -26.99 -19.08 -5.25
C ALA D 63 -27.06 -17.56 -5.42
N GLU D 64 -28.22 -16.97 -5.11
CA GLU D 64 -28.37 -15.53 -5.22
C GLU D 64 -27.48 -14.81 -4.21
N LEU D 65 -27.32 -15.39 -3.02
CA LEU D 65 -26.43 -14.81 -2.01
C LEU D 65 -25.00 -14.76 -2.53
N ILE D 66 -24.53 -15.86 -3.10
CA ILE D 66 -23.17 -15.90 -3.64
C ILE D 66 -23.02 -14.93 -4.80
N GLU D 67 -24.03 -14.85 -5.67
CA GLU D 67 -23.97 -13.91 -6.78
C GLU D 67 -23.89 -12.47 -6.28
N ARG D 68 -24.67 -12.13 -5.26
CA ARG D 68 -24.61 -10.81 -4.66
C ARG D 68 -23.24 -10.54 -4.05
N LEU D 69 -22.67 -11.55 -3.38
CA LEU D 69 -21.34 -11.40 -2.80
C LEU D 69 -20.31 -11.08 -3.88
N GLU D 70 -20.30 -11.87 -4.96
CA GLU D 70 -19.39 -11.60 -6.07
C GLU D 70 -19.63 -10.22 -6.66
N GLN D 71 -20.89 -9.79 -6.71
CA GLN D 71 -21.23 -8.47 -7.22
C GLN D 71 -20.58 -7.38 -6.37
N ALA D 72 -20.72 -7.50 -5.05
CA ALA D 72 -20.13 -6.51 -4.15
C ALA D 72 -18.61 -6.54 -4.24
N TRP D 73 -18.03 -7.74 -4.32
CA TRP D 73 -16.57 -7.87 -4.44
C TRP D 73 -16.06 -7.15 -5.69
N MET D 74 -16.69 -7.41 -6.84
CA MET D 74 -16.25 -6.78 -8.08
C MET D 74 -16.45 -5.27 -8.02
N ASN D 75 -17.60 -4.82 -7.50
CA ASN D 75 -17.88 -3.40 -7.43
C ASN D 75 -16.85 -2.70 -6.54
N GLU D 76 -16.49 -3.32 -5.43
CA GLU D 76 -15.49 -2.73 -4.54
C GLU D 76 -14.13 -2.69 -5.20
N LYS D 77 -13.76 -3.75 -5.91
CA LYS D 77 -12.47 -3.75 -6.61
C LYS D 77 -12.38 -2.62 -7.63
N PHE D 78 -13.47 -2.32 -8.33
CA PHE D 78 -13.38 -1.32 -9.39
C PHE D 78 -13.89 0.07 -9.01
N ALA D 79 -14.67 0.21 -7.94
CA ALA D 79 -15.15 1.53 -7.56
C ALA D 79 -13.99 2.35 -7.00
N PRO D 80 -13.87 3.63 -7.37
CA PRO D 80 -12.77 4.44 -6.85
C PRO D 80 -12.98 4.95 -5.42
N GLU D 81 -14.18 4.80 -4.86
CA GLU D 81 -14.44 5.22 -3.49
C GLU D 81 -15.07 4.06 -2.73
N LEU D 82 -15.20 4.24 -1.42
CA LEU D 82 -15.83 3.23 -0.59
C LEU D 82 -17.34 3.23 -0.83
N LEU D 83 -17.88 2.06 -1.17
CA LEU D 83 -19.30 1.92 -1.47
C LEU D 83 -20.10 1.60 -0.21
N GLU D 84 -21.41 1.53 -0.37
CA GLU D 84 -22.31 1.25 0.74
C GLU D 84 -21.98 -0.11 1.36
N SER D 85 -22.16 -0.18 2.68
CA SER D 85 -21.93 -1.43 3.41
C SER D 85 -23.01 -2.45 3.11
N LYS D 86 -22.62 -3.72 3.04
CA LYS D 86 -23.53 -4.84 2.78
C LYS D 86 -23.41 -5.85 3.92
N PRO D 87 -23.78 -5.45 5.15
CA PRO D 87 -23.65 -6.38 6.28
C PRO D 87 -24.43 -7.67 6.13
N GLU D 88 -25.66 -7.62 5.60
CA GLU D 88 -26.48 -8.82 5.50
C GLU D 88 -25.81 -9.90 4.66
N ILE D 89 -25.03 -9.50 3.65
CA ILE D 89 -24.41 -10.49 2.76
C ILE D 89 -23.28 -11.20 3.50
N VAL D 90 -22.39 -10.44 4.12
CA VAL D 90 -21.30 -11.02 4.90
C VAL D 90 -21.87 -11.94 5.98
N GLU D 91 -22.88 -11.45 6.70
CA GLU D 91 -23.49 -12.23 7.77
C GLU D 91 -24.04 -13.56 7.25
N CYS D 92 -24.88 -13.51 6.21
CA CYS D 92 -25.48 -14.74 5.68
C CYS D 92 -24.42 -15.70 5.15
N VAL D 93 -23.34 -15.17 4.55
CA VAL D 93 -22.32 -16.07 4.02
C VAL D 93 -21.55 -16.71 5.16
N MET D 94 -21.26 -15.94 6.22
CA MET D 94 -20.56 -16.53 7.36
C MET D 94 -21.42 -17.59 8.03
N GLU D 95 -22.74 -17.36 8.11
CA GLU D 95 -23.63 -18.36 8.68
C GLU D 95 -23.62 -19.63 7.84
N GLN D 96 -23.77 -19.49 6.52
CA GLN D 96 -23.72 -20.64 5.63
C GLN D 96 -22.41 -21.41 5.80
N LEU D 97 -21.29 -20.69 5.88
CA LEU D 97 -20.01 -21.37 6.05
C LEU D 97 -19.92 -22.10 7.39
N GLU D 98 -20.37 -21.46 8.47
CA GLU D 98 -20.37 -22.14 9.77
C GLU D 98 -21.19 -23.42 9.71
N HIS D 99 -22.40 -23.35 9.16
CA HIS D 99 -23.24 -24.53 9.03
C HIS D 99 -22.54 -25.63 8.23
N MET D 100 -22.06 -25.29 7.03
CA MET D 100 -21.41 -26.29 6.19
C MET D 100 -20.21 -26.91 6.88
N GLU D 101 -19.38 -26.09 7.55
CA GLU D 101 -18.25 -26.64 8.30
C GLU D 101 -18.72 -27.57 9.40
N GLU D 102 -19.87 -27.27 10.01
CA GLU D 102 -20.40 -28.11 11.08
C GLU D 102 -20.83 -29.46 10.53
N ASN D 103 -21.44 -29.46 9.33
CA ASN D 103 -21.97 -30.69 8.74
C ASN D 103 -20.93 -31.47 7.95
N LEU D 104 -19.64 -31.32 8.29
CA LEU D 104 -18.57 -32.06 7.63
C LEU D 104 -17.87 -32.98 8.64
N ARG D 105 -17.60 -34.21 8.23
CA ARG D 105 -16.94 -35.17 9.10
C ARG D 105 -15.44 -35.15 8.85
N ARG D 106 -14.77 -36.29 9.04
CA ARG D 106 -13.33 -36.39 8.84
C ARG D 106 -12.90 -37.83 8.57
N ALA D 107 -13.05 -38.28 7.32
CA ALA D 107 -12.66 -39.63 6.94
C ALA D 107 -12.44 -39.71 5.44
N LYS D 108 -11.25 -39.35 4.96
CA LYS D 108 -11.00 -39.40 3.53
C LYS D 108 -10.86 -40.83 3.02
N ARG D 109 -11.98 -41.45 2.66
CA ARG D 109 -11.98 -42.81 2.14
C ARG D 109 -13.05 -42.90 1.05
N GLU D 110 -14.31 -42.96 1.50
CA GLU D 110 -15.47 -43.01 0.62
C GLU D 110 -16.22 -41.68 0.64
N ASP D 111 -15.77 -40.73 1.45
CA ASP D 111 -16.41 -39.42 1.58
C ASP D 111 -15.84 -38.44 0.56
N LEU D 112 -16.07 -38.75 -0.71
CA LEU D 112 -15.61 -37.88 -1.78
C LEU D 112 -16.43 -36.60 -1.90
N LYS D 113 -17.41 -36.42 -1.02
CA LYS D 113 -18.26 -35.23 -1.03
C LYS D 113 -17.72 -34.14 -0.11
N VAL D 114 -16.99 -34.50 0.94
CA VAL D 114 -16.35 -33.50 1.77
C VAL D 114 -15.12 -32.94 1.07
N SER D 115 -14.42 -33.77 0.28
CA SER D 115 -13.26 -33.29 -0.46
C SER D 115 -13.64 -32.33 -1.56
N ILE D 116 -14.93 -32.09 -1.76
CA ILE D 116 -15.42 -31.10 -2.70
C ILE D 116 -16.13 -29.96 -1.98
N HIS D 117 -16.85 -30.28 -0.90
CA HIS D 117 -17.49 -29.24 -0.11
C HIS D 117 -16.45 -28.32 0.49
N GLN D 118 -15.33 -28.87 0.99
CA GLN D 118 -14.28 -28.02 1.53
C GLN D 118 -13.63 -27.17 0.45
N MET D 119 -13.61 -27.65 -0.79
CA MET D 119 -13.07 -26.85 -1.88
C MET D 119 -13.99 -25.67 -2.18
N GLU D 120 -15.30 -25.91 -2.22
CA GLU D 120 -16.24 -24.82 -2.42
C GLU D 120 -16.15 -23.82 -1.27
N MET D 121 -16.00 -24.33 -0.04
CA MET D 121 -15.84 -23.46 1.12
C MET D 121 -14.61 -22.59 0.99
N GLU D 122 -13.50 -23.16 0.52
CA GLU D 122 -12.28 -22.37 0.34
C GLU D 122 -12.47 -21.32 -0.73
N ARG D 123 -13.16 -21.66 -1.82
CA ARG D 123 -13.39 -20.68 -2.88
C ARG D 123 -14.22 -19.49 -2.36
N ILE D 124 -15.27 -19.79 -1.58
CA ILE D 124 -16.11 -18.73 -1.05
C ILE D 124 -15.33 -17.90 -0.02
N ARG D 125 -14.53 -18.56 0.81
CA ARG D 125 -13.71 -17.85 1.78
C ARG D 125 -12.71 -16.94 1.08
N TYR D 126 -12.17 -17.40 -0.05
CA TYR D 126 -11.23 -16.59 -0.81
C TYR D 126 -11.90 -15.32 -1.33
N VAL D 127 -13.10 -15.48 -1.91
CA VAL D 127 -13.80 -14.29 -2.41
C VAL D 127 -14.10 -13.33 -1.26
N LEU D 128 -14.55 -13.86 -0.13
CA LEU D 128 -14.87 -13.02 1.03
C LEU D 128 -13.63 -12.26 1.51
N SER D 129 -12.53 -12.99 1.75
CA SER D 129 -11.30 -12.38 2.20
C SER D 129 -10.84 -11.29 1.25
N SER D 130 -10.89 -11.55 -0.06
CA SER D 130 -10.46 -10.54 -1.02
C SER D 130 -11.31 -9.28 -0.93
N TYR D 131 -12.64 -9.46 -0.84
CA TYR D 131 -13.53 -8.31 -0.74
C TYR D 131 -13.24 -7.50 0.53
N LEU D 132 -13.06 -8.18 1.66
CA LEU D 132 -12.79 -7.49 2.91
C LEU D 132 -11.44 -6.78 2.87
N ARG D 133 -10.44 -7.39 2.22
CA ARG D 133 -9.14 -6.75 2.10
C ARG D 133 -9.23 -5.48 1.26
N CYS D 134 -9.98 -5.53 0.15
CA CYS D 134 -10.16 -4.33 -0.66
C CYS D 134 -10.84 -3.23 0.14
N ARG D 135 -11.86 -3.60 0.92
CA ARG D 135 -12.54 -2.59 1.73
C ARG D 135 -11.60 -1.99 2.77
N LEU D 136 -10.74 -2.81 3.38
CA LEU D 136 -9.82 -2.29 4.38
C LEU D 136 -8.79 -1.36 3.73
N MET D 137 -8.31 -1.73 2.54
CA MET D 137 -7.36 -0.89 1.83
C MET D 137 -7.97 0.47 1.53
N LYS D 138 -9.23 0.49 1.11
CA LYS D 138 -9.87 1.77 0.81
C LYS D 138 -10.13 2.57 2.08
N ILE D 139 -10.55 1.90 3.15
CA ILE D 139 -10.80 2.60 4.41
C ILE D 139 -9.53 3.26 4.92
N GLU D 140 -8.40 2.54 4.84
CA GLU D 140 -7.14 3.09 5.31
C GLU D 140 -6.63 4.22 4.41
N LYS D 141 -6.82 4.09 3.09
CA LYS D 141 -6.24 5.08 2.19
C LYS D 141 -6.83 6.48 2.39
N PHE D 142 -8.15 6.58 2.58
CA PHE D 142 -8.80 7.88 2.69
C PHE D 142 -9.46 8.12 4.04
N PHE D 143 -8.98 7.46 5.11
CA PHE D 143 -9.59 7.51 6.45
C PHE D 143 -10.09 8.88 6.92
N PRO D 144 -9.39 10.00 6.69
CA PRO D 144 -9.92 11.26 7.24
C PRO D 144 -11.19 11.71 6.51
N HIS D 145 -11.24 11.54 5.20
CA HIS D 145 -12.41 11.98 4.45
C HIS D 145 -13.58 11.05 4.70
N VAL D 146 -13.28 9.78 4.95
CA VAL D 146 -14.35 8.82 5.27
C VAL D 146 -14.94 9.13 6.64
N LEU D 147 -14.08 9.48 7.61
CA LEU D 147 -14.59 9.83 8.93
C LEU D 147 -15.37 11.13 8.89
N GLU D 148 -14.90 12.12 8.13
CA GLU D 148 -15.63 13.38 8.05
C GLU D 148 -16.96 13.19 7.33
N LYS D 149 -17.00 12.33 6.32
CA LYS D 149 -18.24 12.09 5.60
C LYS D 149 -19.23 11.33 6.48
N GLU D 150 -18.75 10.37 7.26
CA GLU D 150 -19.63 9.64 8.17
C GLU D 150 -20.17 10.56 9.26
N LYS D 151 -19.32 11.46 9.77
CA LYS D 151 -19.76 12.39 10.81
C LYS D 151 -20.91 13.27 10.32
N THR D 152 -20.87 13.71 9.07
CA THR D 152 -21.88 14.57 8.49
C THR D 152 -22.88 13.82 7.63
N ARG D 153 -22.97 12.51 7.78
CA ARG D 153 -23.90 11.71 7.00
C ARG D 153 -25.33 11.97 7.45
N PRO D 154 -26.21 12.46 6.56
CA PRO D 154 -27.59 12.70 6.96
C PRO D 154 -28.30 11.41 7.37
N GLU D 155 -29.08 11.49 8.44
CA GLU D 155 -29.82 10.34 8.92
C GLU D 155 -30.78 9.82 7.85
N GLY D 156 -30.73 8.52 7.60
CA GLY D 156 -31.62 7.92 6.62
C GLY D 156 -30.88 7.33 5.43
N GLU D 157 -29.87 8.05 4.94
CA GLU D 157 -29.10 7.55 3.82
C GLU D 157 -28.26 6.36 4.26
N PRO D 158 -28.06 5.36 3.41
CA PRO D 158 -27.28 4.18 3.82
C PRO D 158 -25.83 4.53 4.12
N SER D 159 -25.32 3.98 5.22
CA SER D 159 -23.94 4.21 5.62
C SER D 159 -22.99 3.30 4.86
N SER D 160 -21.76 3.78 4.66
CA SER D 160 -20.72 3.01 4.00
C SER D 160 -19.79 2.31 4.97
N LEU D 161 -20.09 2.35 6.27
CA LEU D 161 -19.20 1.76 7.27
C LEU D 161 -19.99 1.00 8.32
N SER D 162 -19.49 -0.17 8.68
CA SER D 162 -20.04 -0.92 9.80
C SER D 162 -19.45 -0.38 11.10
N PRO D 163 -20.06 -0.68 12.24
CA PRO D 163 -19.48 -0.20 13.51
C PRO D 163 -18.02 -0.60 13.70
N GLU D 164 -17.66 -1.82 13.28
CA GLU D 164 -16.28 -2.27 13.40
C GLU D 164 -15.37 -1.45 12.49
N GLU D 165 -15.81 -1.17 11.26
CA GLU D 165 -15.02 -0.36 10.35
C GLU D 165 -14.86 1.06 10.90
N LEU D 166 -15.89 1.59 11.56
CA LEU D 166 -15.80 2.90 12.18
C LEU D 166 -14.74 2.89 13.29
N ALA D 167 -14.79 1.86 14.15
CA ALA D 167 -13.77 1.73 15.20
C ALA D 167 -12.37 1.66 14.60
N PHE D 168 -12.22 0.84 13.55
CA PHE D 168 -10.94 0.73 12.86
C PHE D 168 -10.44 2.07 12.36
N ALA D 169 -11.32 2.83 11.70
CA ALA D 169 -10.91 4.13 11.17
C ALA D 169 -10.54 5.09 12.30
N ARG D 170 -11.31 5.09 13.38
CA ARG D 170 -11.01 5.95 14.53
C ARG D 170 -9.63 5.62 15.09
N GLU D 171 -9.36 4.33 15.32
CA GLU D 171 -8.07 3.93 15.87
C GLU D 171 -6.93 4.29 14.92
N PHE D 172 -7.13 4.09 13.62
CA PHE D 172 -6.08 4.45 12.66
C PHE D 172 -5.78 5.94 12.71
N MET D 173 -6.84 6.76 12.73
CA MET D 173 -6.66 8.20 12.82
C MET D 173 -5.91 8.60 14.08
N ALA D 174 -6.40 8.11 15.23
CA ALA D 174 -5.75 8.45 16.50
C ALA D 174 -4.28 8.05 16.51
N ASN D 175 -3.98 6.82 16.07
CA ASN D 175 -2.60 6.35 16.06
C ASN D 175 -1.71 7.22 15.17
N THR D 176 -2.20 7.57 13.98
CA THR D 176 -1.36 8.37 13.08
C THR D 176 -1.17 9.78 13.62
N GLU D 177 -2.22 10.35 14.23
CA GLU D 177 -2.10 11.67 14.82
C GLU D 177 -1.10 11.66 15.97
N SER D 178 -1.16 10.63 16.82
CA SER D 178 -0.22 10.52 17.92
C SER D 178 1.21 10.40 17.41
N TYR D 179 1.42 9.57 16.38
CA TYR D 179 2.77 9.43 15.83
C TYR D 179 3.29 10.75 15.29
N LEU D 180 2.48 11.44 14.49
CA LEU D 180 2.92 12.71 13.92
C LEU D 180 3.19 13.75 14.99
N LYS D 181 2.38 13.75 16.05
CA LYS D 181 2.56 14.73 17.12
C LYS D 181 3.83 14.45 17.90
N ASN D 182 4.02 13.21 18.33
CA ASN D 182 5.17 12.87 19.17
C ASN D 182 6.49 12.92 18.40
N VAL D 183 6.48 12.68 17.09
CA VAL D 183 7.76 12.64 16.38
C VAL D 183 8.23 14.00 15.88
N ALA D 184 7.31 14.91 15.51
CA ALA D 184 7.78 16.18 14.97
C ALA D 184 7.06 17.41 15.50
N LEU D 185 5.72 17.34 15.62
CA LEU D 185 4.93 18.51 15.99
C LEU D 185 5.43 19.18 17.26
N LYS D 186 5.69 18.40 18.31
CA LYS D 186 6.13 19.00 19.56
C LYS D 186 7.51 19.65 19.46
N HIS D 187 8.31 19.26 18.47
CA HIS D 187 9.63 19.84 18.27
C HIS D 187 9.63 20.97 17.26
N MET D 188 8.46 21.38 16.78
CA MET D 188 8.32 22.46 15.82
C MET D 188 7.90 23.75 16.52
N PRO D 189 8.01 24.89 15.84
CA PRO D 189 7.61 26.15 16.46
C PRO D 189 6.17 26.09 16.96
N PRO D 190 5.84 26.87 17.97
CA PRO D 190 4.46 26.87 18.51
C PRO D 190 3.37 27.08 17.49
N ASN D 191 3.63 27.82 16.42
CA ASN D 191 2.59 28.16 15.45
C ASN D 191 2.54 27.19 14.27
N LEU D 192 3.26 26.07 14.34
CA LEU D 192 3.29 25.09 13.26
C LEU D 192 3.05 23.69 13.80
N GLN D 193 2.29 23.57 14.89
CA GLN D 193 2.01 22.30 15.51
C GLN D 193 0.66 21.70 15.11
N LYS D 194 -0.21 22.48 14.47
CA LYS D 194 -1.51 22.00 14.03
C LYS D 194 -1.49 21.85 12.51
N VAL D 195 -1.63 20.60 12.06
CA VAL D 195 -1.69 20.28 10.63
C VAL D 195 -3.12 19.80 10.33
N ASP D 196 -3.78 20.48 9.41
CA ASP D 196 -5.14 20.11 9.02
C ASP D 196 -5.09 18.81 8.22
N LEU D 197 -5.60 17.72 8.81
CA LEU D 197 -5.56 16.43 8.13
C LEU D 197 -6.57 16.35 6.99
N PHE D 198 -7.66 17.12 7.07
CA PHE D 198 -8.66 17.08 6.01
C PHE D 198 -8.12 17.61 4.69
N ARG D 199 -7.15 18.51 4.74
CA ARG D 199 -6.57 19.07 3.53
C ARG D 199 -5.23 18.42 3.17
N ALA D 200 -4.46 18.01 4.18
CA ALA D 200 -3.16 17.40 3.92
C ALA D 200 -3.29 16.03 3.25
N VAL D 201 -4.39 15.34 3.50
CA VAL D 201 -4.61 13.99 2.95
C VAL D 201 -5.41 14.12 1.66
N PRO D 202 -5.00 13.46 0.57
CA PRO D 202 -5.74 13.57 -0.69
C PRO D 202 -7.17 13.07 -0.54
N LYS D 203 -8.09 13.72 -1.23
CA LYS D 203 -9.47 13.30 -1.18
C LYS D 203 -9.73 12.22 -2.21
N PRO D 204 -10.85 11.51 -2.09
CA PRO D 204 -11.18 10.50 -3.11
C PRO D 204 -11.44 11.17 -4.44
N ASP D 205 -11.02 10.51 -5.51
CA ASP D 205 -11.21 11.06 -6.85
C ASP D 205 -12.50 10.48 -7.41
N LEU D 206 -13.57 11.27 -7.34
CA LEU D 206 -14.86 10.84 -7.89
C LEU D 206 -14.92 11.03 -9.40
N ASP D 207 -13.95 11.70 -9.99
CA ASP D 207 -13.89 11.94 -11.43
C ASP D 207 -13.02 10.91 -12.14
N SER D 208 -13.07 9.66 -11.69
CA SER D 208 -12.29 8.59 -12.29
C SER D 208 -13.19 7.75 -13.19
N TYR D 209 -12.63 7.33 -14.32
CA TYR D 209 -13.39 6.51 -15.26
C TYR D 209 -13.39 5.06 -14.80
N VAL D 210 -14.47 4.35 -15.11
CA VAL D 210 -14.67 2.96 -14.74
C VAL D 210 -15.44 2.26 -15.85
N PHE D 211 -15.43 0.93 -15.77
CA PHE D 211 -16.16 0.08 -16.70
C PHE D 211 -17.37 -0.49 -15.98
N LEU D 212 -18.47 -0.63 -16.70
CA LEU D 212 -19.70 -1.11 -16.08
C LEU D 212 -20.44 -2.06 -17.01
N ARG D 213 -21.33 -2.85 -16.40
CA ARG D 213 -22.16 -3.84 -17.07
C ARG D 213 -23.60 -3.52 -16.71
N VAL D 214 -24.42 -3.27 -17.72
CA VAL D 214 -25.81 -2.88 -17.47
C VAL D 214 -26.62 -4.12 -17.12
N ARG D 215 -27.26 -4.09 -15.95
CA ARG D 215 -28.15 -5.16 -15.49
C ARG D 215 -29.61 -4.87 -15.78
N GLU D 216 -30.00 -3.60 -15.70
CA GLU D 216 -31.37 -3.17 -15.98
C GLU D 216 -31.30 -1.94 -16.86
N ARG D 217 -32.10 -1.93 -17.93
CA ARG D 217 -32.13 -0.81 -18.86
C ARG D 217 -32.36 0.50 -18.14
N GLN D 218 -31.60 1.53 -18.53
CA GLN D 218 -31.69 2.86 -17.95
C GLN D 218 -31.72 3.89 -19.07
N GLU D 219 -32.51 4.95 -18.87
CA GLU D 219 -32.71 5.96 -19.88
C GLU D 219 -32.39 7.35 -19.32
N ASN D 220 -32.34 8.32 -20.24
CA ASN D 220 -32.10 9.72 -19.94
C ASN D 220 -30.86 9.94 -19.07
N ILE D 221 -29.73 9.43 -19.55
CA ILE D 221 -28.44 9.64 -18.90
C ILE D 221 -27.74 10.78 -19.62
N LEU D 222 -27.36 11.82 -18.88
CA LEU D 222 -26.72 12.99 -19.47
C LEU D 222 -25.21 12.82 -19.49
N VAL D 223 -24.62 12.85 -20.68
CA VAL D 223 -23.19 12.78 -20.87
C VAL D 223 -22.67 14.20 -21.10
N GLU D 224 -21.69 14.60 -20.30
CA GLU D 224 -21.06 15.92 -20.39
C GLU D 224 -19.60 15.71 -20.77
N PRO D 225 -19.26 15.76 -22.06
CA PRO D 225 -17.86 15.59 -22.47
C PRO D 225 -16.88 16.51 -21.74
N ASP D 226 -17.22 17.79 -21.63
CA ASP D 226 -16.35 18.76 -20.97
C ASP D 226 -17.17 19.88 -20.32
N THR D 227 -16.58 21.06 -20.20
CA THR D 227 -17.25 22.19 -19.58
C THR D 227 -18.11 22.99 -20.56
N ASP D 228 -18.14 22.60 -21.83
CA ASP D 228 -18.94 23.26 -22.86
C ASP D 228 -20.30 22.59 -22.88
N GLU D 229 -21.27 23.20 -22.18
CA GLU D 229 -22.64 22.67 -22.14
C GLU D 229 -23.18 22.36 -23.53
N GLN D 230 -22.68 23.05 -24.56
CA GLN D 230 -23.13 22.81 -25.92
C GLN D 230 -22.81 21.39 -26.38
N ARG D 231 -21.82 20.75 -25.76
CA ARG D 231 -21.43 19.39 -26.11
C ARG D 231 -22.16 18.33 -25.30
N ASP D 232 -22.98 18.73 -24.33
CA ASP D 232 -23.71 17.77 -23.52
C ASP D 232 -24.81 17.11 -24.35
N TYR D 233 -25.00 15.80 -24.14
CA TYR D 233 -26.05 15.11 -24.88
C TYR D 233 -26.58 13.94 -24.05
N VAL D 234 -27.77 13.48 -24.40
CA VAL D 234 -28.43 12.40 -23.67
C VAL D 234 -28.16 11.08 -24.38
N ILE D 235 -28.10 10.00 -23.58
CA ILE D 235 -27.87 8.64 -24.03
C ILE D 235 -28.75 7.73 -23.19
N ASP D 236 -29.00 6.52 -23.71
CA ASP D 236 -29.81 5.51 -23.06
C ASP D 236 -28.98 4.24 -22.90
N LEU D 237 -29.08 3.63 -21.72
CA LEU D 237 -28.34 2.41 -21.39
C LEU D 237 -29.25 1.20 -21.53
N GLU D 238 -28.93 0.31 -22.47
CA GLU D 238 -29.73 -0.87 -22.70
C GLU D 238 -29.24 -2.04 -21.85
N LYS D 239 -30.18 -2.89 -21.44
CA LYS D 239 -29.88 -4.02 -20.58
C LYS D 239 -28.84 -4.94 -21.22
N GLY D 240 -27.83 -5.30 -20.44
CA GLY D 240 -26.78 -6.21 -20.89
C GLY D 240 -25.57 -5.55 -21.50
N SER D 241 -25.66 -4.28 -21.88
CA SER D 241 -24.54 -3.61 -22.52
C SER D 241 -23.42 -3.34 -21.54
N GLN D 242 -22.24 -3.07 -22.08
CA GLN D 242 -21.04 -2.75 -21.32
C GLN D 242 -20.56 -1.37 -21.73
N HIS D 243 -20.21 -0.54 -20.75
CA HIS D 243 -19.83 0.83 -21.05
C HIS D 243 -18.60 1.25 -20.24
N LEU D 244 -18.02 2.37 -20.65
CA LEU D 244 -16.91 3.03 -20.00
C LEU D 244 -17.33 4.47 -19.77
N ILE D 245 -17.19 4.97 -18.54
CA ILE D 245 -17.68 6.31 -18.22
C ILE D 245 -17.15 6.72 -16.87
N ARG D 246 -17.21 8.02 -16.57
CA ARG D 246 -16.78 8.52 -15.26
C ARG D 246 -17.70 8.00 -14.17
N TYR D 247 -17.10 7.57 -13.07
CA TYR D 247 -17.86 7.01 -11.96
C TYR D 247 -18.93 7.98 -11.46
N LYS D 248 -18.56 9.25 -11.27
CA LYS D 248 -19.50 10.24 -10.73
C LYS D 248 -20.78 10.34 -11.53
N THR D 249 -20.72 10.13 -12.85
CA THR D 249 -21.90 10.27 -13.68
C THR D 249 -22.91 9.16 -13.44
N ILE D 250 -22.46 7.96 -13.09
CA ILE D 250 -23.34 6.81 -12.93
C ILE D 250 -23.33 6.27 -11.50
N ALA D 251 -22.82 7.06 -10.55
CA ALA D 251 -22.79 6.62 -9.15
C ALA D 251 -24.13 6.14 -8.61
N PRO D 252 -25.25 6.87 -8.77
CA PRO D 252 -26.52 6.38 -8.23
C PRO D 252 -26.93 5.02 -8.80
N LEU D 253 -26.57 4.73 -10.05
CA LEU D 253 -26.94 3.44 -10.62
C LEU D 253 -26.15 2.30 -9.99
N VAL D 254 -24.90 2.55 -9.60
CA VAL D 254 -24.13 1.55 -8.88
C VAL D 254 -24.67 1.38 -7.47
N ALA D 255 -24.97 2.50 -6.81
CA ALA D 255 -25.51 2.43 -5.45
C ALA D 255 -26.82 1.66 -5.41
N SER D 256 -27.72 1.92 -6.36
CA SER D 256 -29.00 1.23 -6.41
C SER D 256 -28.88 -0.21 -6.89
N GLY D 257 -27.73 -0.59 -7.45
CA GLY D 257 -27.54 -1.94 -7.94
C GLY D 257 -28.08 -2.21 -9.32
N ALA D 258 -28.52 -1.17 -10.03
CA ALA D 258 -29.04 -1.34 -11.38
C ALA D 258 -27.95 -1.70 -12.39
N VAL D 259 -26.69 -1.38 -12.09
CA VAL D 259 -25.59 -1.61 -13.01
C VAL D 259 -24.47 -2.30 -12.23
N GLN D 260 -23.58 -2.97 -12.96
CA GLN D 260 -22.48 -3.75 -12.40
C GLN D 260 -21.15 -3.30 -12.97
N LEU D 261 -20.21 -2.94 -12.09
CA LEU D 261 -18.88 -2.54 -12.54
C LEU D 261 -18.14 -3.75 -13.09
N ILE D 262 -17.76 -3.69 -14.36
CA ILE D 262 -17.02 -4.78 -14.99
C ILE D 262 -15.75 -5.10 -14.24
N GLU E 177 -6.98 42.86 4.95
CA GLU E 177 -6.47 43.54 6.15
C GLU E 177 -6.40 42.57 7.32
N GLN E 178 -7.14 41.47 7.22
CA GLN E 178 -7.19 40.50 8.31
C GLN E 178 -6.00 39.54 8.28
N ALA E 179 -5.46 39.27 7.08
CA ALA E 179 -4.35 38.33 6.98
C ALA E 179 -3.06 38.92 7.56
N ASP E 180 -2.79 40.18 7.25
CA ASP E 180 -1.60 40.83 7.81
C ASP E 180 -1.70 40.94 9.33
N GLU E 181 -2.89 41.27 9.84
CA GLU E 181 -3.07 41.37 11.29
C GLU E 181 -2.93 40.00 11.94
N ASP E 182 -3.42 38.95 11.28
CA ASP E 182 -3.26 37.61 11.84
C ASP E 182 -1.79 37.20 11.84
N LEU E 183 -1.07 37.55 10.79
CA LEU E 183 0.36 37.23 10.72
C LEU E 183 1.11 37.92 11.83
N LEU E 184 0.83 39.22 12.05
CA LEU E 184 1.49 39.93 13.13
C LEU E 184 1.10 39.37 14.48
N SER E 185 -0.15 38.92 14.63
CA SER E 185 -0.58 38.28 15.88
C SER E 185 0.09 36.94 16.10
N GLN E 186 0.58 36.29 15.03
CA GLN E 186 1.23 34.99 15.19
C GLN E 186 2.56 35.10 15.92
N TYR E 187 3.15 36.30 16.00
CA TYR E 187 4.45 36.49 16.60
C TYR E 187 4.40 37.30 17.88
N GLU E 188 3.22 37.81 18.25
CA GLU E 188 3.08 38.58 19.47
C GLU E 188 3.58 37.81 20.68
N ASN E 189 4.38 38.46 21.51
CA ASN E 189 4.93 37.85 22.71
C ASN E 189 4.07 38.20 23.92
N GLY E 190 3.92 37.24 24.82
CA GLY E 190 3.13 37.44 26.02
C GLY E 190 3.90 37.19 27.30
N GLU E 243 -9.56 -24.37 37.36
CA GLU E 243 -10.10 -23.05 37.03
C GLU E 243 -9.85 -22.71 35.56
N GLY E 244 -8.79 -23.28 35.00
CA GLY E 244 -8.46 -23.01 33.61
C GLY E 244 -7.39 -21.94 33.46
N LEU E 245 -6.42 -22.18 32.58
CA LEU E 245 -5.34 -21.21 32.37
C LEU E 245 -5.38 -20.67 30.94
N PHE E 246 -5.10 -21.51 29.94
CA PHE E 246 -5.13 -21.09 28.54
C PHE E 246 -6.41 -21.51 27.86
N SER E 247 -7.53 -21.45 28.58
CA SER E 247 -8.83 -21.89 28.09
C SER E 247 -9.21 -21.18 26.80
N GLN E 248 -9.63 -19.92 26.94
CA GLN E 248 -10.08 -19.13 25.79
C GLN E 248 -8.88 -18.43 25.16
N LYS E 249 -8.04 -19.23 24.52
CA LYS E 249 -6.85 -18.70 23.87
C LYS E 249 -6.43 -19.67 22.77
N SER E 250 -5.87 -19.14 21.70
CA SER E 250 -5.40 -19.93 20.57
C SER E 250 -3.90 -19.70 20.37
N PHE E 251 -3.17 -20.78 20.08
CA PHE E 251 -1.73 -20.68 19.88
C PHE E 251 -1.33 -21.35 18.58
N LEU E 252 -0.44 -20.70 17.82
CA LEU E 252 0.37 -21.35 16.80
C LEU E 252 1.75 -21.66 17.36
N VAL E 253 2.33 -22.76 16.89
CA VAL E 253 3.71 -23.14 17.23
C VAL E 253 4.50 -23.36 15.96
N LEU E 254 5.53 -22.55 15.73
CA LEU E 254 6.27 -22.56 14.48
C LEU E 254 7.76 -22.51 14.75
N GLY E 255 8.53 -23.16 13.88
CA GLY E 255 9.97 -23.03 13.88
C GLY E 255 10.73 -24.00 14.75
N PHE E 256 10.05 -24.93 15.41
CA PHE E 256 10.71 -25.86 16.32
C PHE E 256 10.93 -27.21 15.65
N SER E 257 11.84 -27.99 16.22
CA SER E 257 11.98 -29.38 15.83
C SER E 257 10.69 -30.14 16.13
N ASN E 258 10.54 -31.30 15.47
CA ASN E 258 9.35 -32.11 15.67
C ASN E 258 9.16 -32.48 17.14
N GLU E 259 10.24 -32.95 17.78
CA GLU E 259 10.16 -33.29 19.20
C GLU E 259 9.77 -32.08 20.03
N ASN E 260 10.47 -30.96 19.83
CA ASN E 260 10.18 -29.76 20.63
C ASN E 260 8.80 -29.22 20.32
N GLU E 261 8.39 -29.27 19.04
CA GLU E 261 7.03 -28.88 18.67
C GLU E 261 6.00 -29.69 19.45
N SER E 262 6.16 -31.02 19.46
CA SER E 262 5.22 -31.87 20.17
C SER E 262 5.25 -31.59 21.67
N ASN E 263 6.44 -31.36 22.23
CA ASN E 263 6.56 -31.05 23.64
C ASN E 263 5.80 -29.77 23.98
N ILE E 264 5.93 -28.76 23.13
CA ILE E 264 5.26 -27.47 23.39
C ILE E 264 3.76 -27.63 23.26
N ALA E 265 3.30 -28.35 22.23
CA ALA E 265 1.88 -28.64 22.10
C ALA E 265 1.36 -29.38 23.33
N ASN E 266 2.15 -30.32 23.85
CA ASN E 266 1.72 -31.08 25.03
C ASN E 266 1.60 -30.19 26.24
N ILE E 267 2.57 -29.30 26.46
CA ILE E 267 2.47 -28.35 27.56
C ILE E 267 1.24 -27.47 27.40
N ILE E 268 0.98 -27.01 26.18
CA ILE E 268 -0.17 -26.16 25.93
C ILE E 268 -1.46 -26.89 26.29
N LYS E 269 -1.57 -28.14 25.85
CA LYS E 269 -2.79 -28.92 26.15
C LYS E 269 -2.90 -29.20 27.64
N GLU E 270 -1.77 -29.44 28.31
CA GLU E 270 -1.79 -29.63 29.76
C GLU E 270 -2.22 -28.37 30.48
N ASN E 271 -2.03 -27.20 29.86
CA ASN E 271 -2.43 -25.94 30.45
C ASN E 271 -3.73 -25.40 29.83
N ALA E 272 -4.54 -26.28 29.23
CA ALA E 272 -5.87 -25.99 28.71
C ALA E 272 -5.86 -25.17 27.44
N GLY E 273 -4.72 -25.01 26.78
CA GLY E 273 -4.67 -24.29 25.53
C GLY E 273 -5.06 -25.14 24.33
N LYS E 274 -5.47 -24.46 23.27
CA LYS E 274 -5.85 -25.10 22.03
C LYS E 274 -4.80 -24.80 20.96
N ILE E 275 -4.47 -25.81 20.16
CA ILE E 275 -3.47 -25.71 19.11
C ILE E 275 -4.19 -25.68 17.77
N MET E 276 -3.84 -24.70 16.95
CA MET E 276 -4.50 -24.51 15.67
C MET E 276 -3.61 -25.04 14.55
N SER E 277 -4.20 -25.23 13.38
CA SER E 277 -3.51 -25.86 12.27
C SER E 277 -2.81 -24.83 11.39
N LEU E 278 -1.82 -25.31 10.64
CA LEU E 278 -1.25 -24.50 9.56
C LEU E 278 -2.34 -24.22 8.53
N LEU E 279 -2.23 -23.05 7.90
CA LEU E 279 -3.24 -22.57 6.96
C LEU E 279 -4.64 -22.61 7.58
N SER E 280 -4.70 -22.29 8.88
CA SER E 280 -5.97 -22.24 9.58
C SER E 280 -6.85 -21.11 9.03
N ARG E 281 -8.15 -21.34 9.00
CA ARG E 281 -9.07 -20.34 8.49
C ARG E 281 -9.36 -19.25 9.51
N THR E 282 -9.03 -19.48 10.77
CA THR E 282 -9.25 -18.54 11.85
C THR E 282 -7.92 -17.92 12.25
N VAL E 283 -7.97 -16.86 13.04
CA VAL E 283 -6.78 -16.16 13.48
C VAL E 283 -6.41 -16.74 14.86
N ALA E 284 -5.15 -16.60 15.23
CA ALA E 284 -4.68 -17.11 16.50
C ALA E 284 -4.47 -15.96 17.48
N ASP E 285 -4.80 -16.19 18.74
CA ASP E 285 -4.52 -15.22 19.79
C ASP E 285 -3.02 -14.98 19.93
N TYR E 286 -2.21 -16.03 19.87
CA TYR E 286 -0.77 -15.92 20.04
C TYR E 286 -0.05 -16.83 19.05
N ALA E 287 1.09 -16.37 18.56
CA ALA E 287 2.06 -17.21 17.88
C ALA E 287 3.27 -17.38 18.80
N VAL E 288 3.57 -18.63 19.16
CA VAL E 288 4.72 -18.95 19.99
C VAL E 288 5.91 -19.27 19.08
N VAL E 289 6.99 -18.54 19.26
CA VAL E 289 8.18 -18.67 18.41
C VAL E 289 9.41 -18.86 19.30
N PRO E 290 10.55 -19.24 18.74
CA PRO E 290 11.78 -19.32 19.55
C PRO E 290 12.25 -17.94 19.98
N LEU E 291 13.26 -17.95 20.86
CA LEU E 291 13.74 -16.70 21.45
C LEU E 291 14.26 -15.75 20.38
N LEU E 292 14.92 -16.29 19.36
CA LEU E 292 15.50 -15.48 18.30
C LEU E 292 14.52 -15.21 17.17
N GLY E 293 13.28 -15.66 17.30
CA GLY E 293 12.27 -15.47 16.28
C GLY E 293 12.40 -16.48 15.16
N CYS E 294 11.44 -16.38 14.24
CA CYS E 294 11.38 -17.26 13.06
C CYS E 294 10.34 -16.67 12.12
N GLU E 295 10.11 -17.38 11.01
CA GLU E 295 9.06 -16.97 10.09
C GLU E 295 7.69 -17.24 10.69
N VAL E 296 6.85 -16.21 10.74
CA VAL E 296 5.47 -16.33 11.18
C VAL E 296 4.59 -15.79 10.06
N GLU E 297 4.02 -16.69 9.26
CA GLU E 297 3.33 -16.31 8.04
C GLU E 297 1.89 -15.89 8.26
N ALA E 298 1.31 -16.17 9.43
CA ALA E 298 -0.10 -15.91 9.66
C ALA E 298 -0.29 -14.76 10.65
N THR E 299 -1.36 -13.99 10.44
CA THR E 299 -1.79 -12.98 11.39
C THR E 299 -2.14 -13.61 12.73
N VAL E 300 -1.63 -13.03 13.81
CA VAL E 300 -1.94 -13.48 15.17
C VAL E 300 -2.13 -12.24 16.05
N GLY E 301 -2.75 -12.47 17.20
CA GLY E 301 -2.98 -11.42 18.17
C GLY E 301 -1.71 -10.79 18.72
N GLU E 302 -0.85 -11.62 19.31
CA GLU E 302 0.43 -11.16 19.86
C GLU E 302 1.44 -12.27 19.70
N VAL E 303 2.63 -11.93 19.23
CA VAL E 303 3.73 -12.88 19.08
C VAL E 303 4.53 -12.96 20.37
N VAL E 304 4.71 -14.17 20.88
CA VAL E 304 5.40 -14.40 22.14
C VAL E 304 6.40 -15.52 21.95
N THR E 305 7.38 -15.57 22.85
CA THR E 305 8.44 -16.56 22.79
C THR E 305 8.19 -17.66 23.82
N ASN E 306 8.89 -18.79 23.64
CA ASN E 306 8.78 -19.87 24.61
C ASN E 306 9.30 -19.46 25.97
N THR E 307 10.19 -18.47 26.03
CA THR E 307 10.60 -17.92 27.32
C THR E 307 9.43 -17.25 28.02
N TRP E 308 8.64 -16.47 27.28
CA TRP E 308 7.43 -15.88 27.84
C TRP E 308 6.50 -16.97 28.37
N LEU E 309 6.29 -18.01 27.55
CA LEU E 309 5.44 -19.14 27.96
C LEU E 309 5.91 -19.74 29.27
N VAL E 310 7.19 -20.07 29.37
CA VAL E 310 7.72 -20.74 30.55
C VAL E 310 7.63 -19.81 31.76
N THR E 311 7.88 -18.51 31.57
CA THR E 311 7.77 -17.57 32.67
C THR E 311 6.32 -17.46 33.14
N CYS E 312 5.38 -17.44 32.21
CA CYS E 312 3.96 -17.42 32.56
C CYS E 312 3.58 -18.66 33.35
N ILE E 313 4.07 -19.83 32.94
CA ILE E 313 3.68 -21.06 33.61
C ILE E 313 4.30 -21.12 35.01
N ASP E 314 5.54 -20.68 35.15
CA ASP E 314 6.20 -20.69 36.45
C ASP E 314 5.49 -19.80 37.45
N TYR E 315 4.99 -18.65 37.00
CA TYR E 315 4.33 -17.70 37.88
C TYR E 315 2.81 -17.71 37.74
N GLN E 316 2.26 -18.64 36.95
CA GLN E 316 0.82 -18.76 36.74
C GLN E 316 0.15 -17.42 36.45
N THR E 317 0.83 -16.61 35.62
CA THR E 317 0.35 -15.27 35.29
C THR E 317 0.62 -14.99 33.82
N LEU E 318 -0.35 -14.36 33.16
CA LEU E 318 -0.22 -14.01 31.75
C LEU E 318 0.40 -12.61 31.67
N PHE E 319 1.74 -12.58 31.64
CA PHE E 319 2.45 -11.31 31.59
C PHE E 319 2.23 -10.62 30.25
N ASP E 320 2.12 -9.29 30.29
CA ASP E 320 2.08 -8.50 29.08
C ASP E 320 3.38 -8.69 28.31
N PRO E 321 3.32 -9.06 27.02
CA PRO E 321 4.56 -9.22 26.25
C PRO E 321 5.42 -7.97 26.20
N LYS E 322 4.81 -6.79 26.28
CA LYS E 322 5.54 -5.54 26.31
C LYS E 322 6.20 -5.25 27.65
N SER E 323 5.88 -6.01 28.69
CA SER E 323 6.40 -5.74 30.03
C SER E 323 7.84 -6.19 30.22
N ASN E 324 8.41 -6.91 29.26
CA ASN E 324 9.77 -7.42 29.38
C ASN E 324 10.34 -7.65 27.99
N PRO E 325 11.55 -7.14 27.70
CA PRO E 325 12.11 -7.29 26.35
C PRO E 325 12.42 -8.73 25.98
N LEU E 326 12.53 -9.64 26.94
CA LEU E 326 12.78 -11.04 26.65
C LEU E 326 11.52 -11.80 26.26
N PHE E 327 10.35 -11.16 26.30
CA PHE E 327 9.10 -11.81 25.95
C PHE E 327 8.81 -11.77 24.45
N THR E 328 9.57 -11.00 23.69
CA THR E 328 9.43 -10.91 22.24
C THR E 328 10.80 -11.13 21.61
N PRO E 329 10.84 -11.52 20.33
CA PRO E 329 12.13 -11.78 19.68
C PRO E 329 13.08 -10.59 19.79
N VAL E 330 14.35 -10.90 20.03
CA VAL E 330 15.40 -9.88 20.21
C VAL E 330 16.24 -9.86 18.94
N PRO E 331 16.37 -8.72 18.26
CA PRO E 331 17.17 -8.68 17.03
C PRO E 331 18.65 -8.85 17.33
N VAL E 332 19.29 -9.76 16.60
CA VAL E 332 20.70 -10.07 16.77
C VAL E 332 21.37 -10.06 15.41
N MET E 333 22.48 -9.34 15.29
CA MET E 333 23.26 -9.32 14.05
C MET E 333 24.00 -10.65 13.91
N THR E 334 23.59 -11.46 12.95
CA THR E 334 24.14 -12.80 12.79
C THR E 334 25.63 -12.76 12.46
N GLY E 335 26.38 -13.68 13.07
CA GLY E 335 27.79 -13.86 12.77
C GLY E 335 28.75 -12.97 13.54
N MET E 336 28.25 -12.03 14.34
CA MET E 336 29.11 -11.14 15.11
C MET E 336 29.27 -11.68 16.53
N THR E 337 30.51 -11.67 17.02
CA THR E 337 30.84 -12.12 18.37
C THR E 337 31.63 -11.03 19.08
N PRO E 338 30.98 -9.90 19.39
CA PRO E 338 31.73 -8.76 19.94
C PRO E 338 32.24 -8.97 21.35
N LEU E 339 31.68 -9.92 22.10
CA LEU E 339 32.12 -10.20 23.47
C LEU E 339 32.98 -11.45 23.57
N GLU E 340 33.57 -11.89 22.44
CA GLU E 340 34.34 -13.13 22.44
C GLU E 340 35.50 -13.10 23.43
N ASP E 341 36.00 -11.90 23.75
CA ASP E 341 37.08 -11.76 24.72
C ASP E 341 36.58 -11.32 26.09
N CYS E 342 35.26 -11.33 26.30
CA CYS E 342 34.67 -10.90 27.55
C CYS E 342 34.30 -12.09 28.41
N VAL E 343 34.23 -11.85 29.72
CA VAL E 343 33.88 -12.88 30.70
C VAL E 343 32.80 -12.31 31.59
N ILE E 344 31.62 -12.93 31.55
CA ILE E 344 30.41 -12.37 32.15
C ILE E 344 29.93 -13.31 33.25
N SER E 345 29.51 -12.73 34.37
CA SER E 345 28.71 -13.43 35.36
C SER E 345 27.40 -12.68 35.58
N PHE E 346 26.34 -13.43 35.84
CA PHE E 346 25.02 -12.86 36.07
C PHE E 346 24.65 -12.95 37.54
N SER E 347 23.86 -11.97 37.99
CA SER E 347 23.31 -11.95 39.34
C SER E 347 21.82 -11.68 39.28
N GLN E 348 21.09 -12.27 40.22
CA GLN E 348 19.66 -12.06 40.42
C GLN E 348 18.81 -12.64 39.30
N CYS E 349 19.37 -13.53 38.50
CA CYS E 349 18.67 -14.17 37.40
C CYS E 349 18.55 -15.66 37.68
N ALA E 350 17.37 -16.21 37.41
CA ALA E 350 17.10 -17.62 37.66
C ALA E 350 16.29 -18.22 36.53
N GLY E 351 16.25 -19.55 36.52
CA GLY E 351 15.38 -20.31 35.63
C GLY E 351 15.55 -19.96 34.16
N ALA E 352 14.40 -19.86 33.48
CA ALA E 352 14.41 -19.60 32.03
C ALA E 352 15.11 -18.30 31.69
N GLU E 353 14.94 -17.27 32.52
CA GLU E 353 15.59 -15.99 32.25
C GLU E 353 17.11 -16.14 32.25
N LYS E 354 17.66 -16.74 33.31
CA LYS E 354 19.10 -17.00 33.37
C LYS E 354 19.55 -17.88 32.21
N GLU E 355 18.78 -18.91 31.87
CA GLU E 355 19.15 -19.78 30.77
C GLU E 355 19.23 -19.01 29.45
N SER E 356 18.25 -18.15 29.21
CA SER E 356 18.23 -17.38 27.96
C SER E 356 19.38 -16.38 27.93
N LEU E 357 19.67 -15.75 29.06
CA LEU E 357 20.79 -14.81 29.11
C LEU E 357 22.11 -15.52 28.85
N THR E 358 22.27 -16.72 29.42
CA THR E 358 23.48 -17.50 29.18
C THR E 358 23.58 -17.91 27.71
N PHE E 359 22.45 -18.32 27.12
CA PHE E 359 22.42 -18.65 25.69
C PHE E 359 22.88 -17.47 24.85
N LEU E 360 22.36 -16.27 25.16
CA LEU E 360 22.72 -15.09 24.38
C LEU E 360 24.20 -14.75 24.55
N ALA E 361 24.68 -14.79 25.80
CA ALA E 361 26.08 -14.51 26.06
C ALA E 361 26.98 -15.44 25.27
N ASN E 362 26.66 -16.74 25.27
CA ASN E 362 27.46 -17.70 24.51
C ASN E 362 27.37 -17.41 23.02
N LEU E 363 26.17 -17.07 22.53
CA LEU E 363 26.00 -16.73 21.13
C LEU E 363 26.88 -15.56 20.73
N LEU E 364 27.07 -14.60 21.64
CA LEU E 364 27.92 -13.45 21.36
C LEU E 364 29.40 -13.73 21.62
N GLY E 365 29.75 -14.93 22.09
CA GLY E 365 31.14 -15.34 22.18
C GLY E 365 31.74 -15.31 23.56
N ALA E 366 31.02 -14.79 24.55
CA ALA E 366 31.55 -14.72 25.90
C ALA E 366 31.48 -16.07 26.59
N SER E 367 32.35 -16.26 27.57
CA SER E 367 32.27 -17.39 28.49
C SER E 367 31.54 -16.97 29.75
N VAL E 368 30.59 -17.80 30.19
CA VAL E 368 29.83 -17.56 31.40
C VAL E 368 30.28 -18.54 32.47
N GLN E 369 30.68 -18.01 33.61
CA GLN E 369 31.11 -18.82 34.74
C GLN E 369 30.11 -18.65 35.89
N GLU E 370 29.78 -19.77 36.54
CA GLU E 370 28.88 -19.74 37.68
C GLU E 370 29.42 -18.83 38.78
N TYR E 371 30.73 -18.83 38.99
CA TYR E 371 31.35 -18.08 40.07
C TYR E 371 31.94 -16.78 39.56
N PHE E 372 31.88 -15.74 40.39
CA PHE E 372 32.36 -14.41 40.06
C PHE E 372 33.72 -14.22 40.70
N VAL E 373 34.77 -14.14 39.86
CA VAL E 373 36.13 -14.01 40.34
C VAL E 373 36.83 -12.88 39.59
N ARG E 374 37.78 -12.25 40.27
CA ARG E 374 38.56 -11.15 39.71
C ARG E 374 39.94 -11.58 39.23
N LYS E 375 40.36 -12.80 39.54
CA LYS E 375 41.67 -13.31 39.16
C LYS E 375 41.51 -14.73 38.65
N SER E 376 42.16 -15.02 37.52
CA SER E 376 42.06 -16.36 36.94
C SER E 376 42.70 -17.39 37.85
N ASN E 377 42.16 -18.61 37.81
CA ASN E 377 42.66 -19.72 38.62
C ASN E 377 42.73 -20.96 37.72
N ALA E 378 43.94 -21.29 37.28
CA ALA E 378 44.13 -22.43 36.39
C ALA E 378 43.62 -23.72 37.02
N LYS E 379 43.86 -23.90 38.32
CA LYS E 379 43.51 -25.16 38.98
C LYS E 379 42.00 -25.42 38.93
N LYS E 380 41.20 -24.39 39.21
CA LYS E 380 39.75 -24.53 39.18
C LYS E 380 39.15 -24.23 37.82
N GLY E 381 39.96 -23.86 36.83
CA GLY E 381 39.46 -23.60 35.50
C GLY E 381 38.55 -22.40 35.37
N MET E 382 38.68 -21.43 36.27
CA MET E 382 37.89 -20.21 36.22
C MET E 382 38.75 -19.03 35.77
N PHE E 383 38.20 -18.21 34.88
CA PHE E 383 38.87 -17.02 34.38
C PHE E 383 38.31 -15.77 35.06
N ALA E 384 39.18 -14.77 35.22
CA ALA E 384 38.76 -13.52 35.80
C ALA E 384 37.62 -12.90 35.00
N SER E 385 36.65 -12.31 35.70
CA SER E 385 35.48 -11.75 35.04
C SER E 385 35.76 -10.35 34.53
N THR E 386 35.22 -10.04 33.36
CA THR E 386 35.32 -8.71 32.78
C THR E 386 34.08 -7.84 33.01
N HIS E 387 32.90 -8.44 33.18
CA HIS E 387 31.66 -7.67 33.26
C HIS E 387 30.71 -8.32 34.24
N LEU E 388 30.01 -7.49 35.01
CA LEU E 388 28.88 -7.91 35.82
C LEU E 388 27.59 -7.34 35.21
N ILE E 389 26.60 -8.21 34.99
CA ILE E 389 25.29 -7.81 34.49
C ILE E 389 24.25 -8.11 35.55
N LEU E 390 23.45 -7.11 35.90
CA LEU E 390 22.46 -7.24 36.95
C LEU E 390 21.32 -6.26 36.69
N LYS E 391 20.37 -6.21 37.61
CA LYS E 391 19.17 -5.40 37.44
C LYS E 391 19.01 -4.29 38.47
N GLU E 392 19.47 -4.49 39.70
CA GLU E 392 19.20 -3.56 40.78
C GLU E 392 20.46 -3.37 41.63
N ARG E 393 20.48 -2.25 42.36
CA ARG E 393 21.53 -2.04 43.35
C ARG E 393 21.43 -3.09 44.44
N GLY E 394 22.56 -3.70 44.78
CA GLY E 394 22.54 -4.65 45.89
C GLY E 394 23.10 -6.03 45.58
N GLY E 395 23.54 -6.73 46.61
CA GLY E 395 23.99 -8.09 46.50
C GLY E 395 25.50 -8.22 46.57
N SER E 396 25.95 -9.47 46.64
CA SER E 396 27.37 -9.76 46.83
C SER E 396 28.21 -9.35 45.63
N LYS E 397 27.77 -9.74 44.43
CA LYS E 397 28.58 -9.49 43.25
C LYS E 397 28.65 -8.01 42.91
N TYR E 398 27.55 -7.28 43.09
CA TYR E 398 27.56 -5.83 42.90
C TYR E 398 28.59 -5.16 43.80
N GLU E 399 28.54 -5.46 45.11
CA GLU E 399 29.49 -4.88 46.05
C GLU E 399 30.92 -5.28 45.70
N ALA E 400 31.13 -6.53 45.32
CA ALA E 400 32.47 -6.98 44.93
C ALA E 400 32.97 -6.21 43.72
N ALA E 401 32.10 -5.98 42.73
CA ALA E 401 32.50 -5.23 41.55
C ALA E 401 32.83 -3.80 41.90
N LYS E 402 32.09 -3.20 42.83
CA LYS E 402 32.42 -1.85 43.28
C LYS E 402 33.78 -1.83 43.98
N LYS E 403 34.00 -2.78 44.89
CA LYS E 403 35.27 -2.83 45.62
C LYS E 403 36.44 -3.04 44.69
N TRP E 404 36.27 -3.88 43.66
CA TRP E 404 37.33 -4.23 42.73
C TRP E 404 37.35 -3.32 41.50
N ASN E 405 36.48 -2.31 41.47
CA ASN E 405 36.34 -1.39 40.34
C ASN E 405 35.97 -2.14 39.06
N LEU E 406 34.98 -3.04 39.17
CA LEU E 406 34.51 -3.69 37.97
C LEU E 406 33.17 -3.12 37.54
N PRO E 407 32.92 -3.01 36.24
CA PRO E 407 31.65 -2.42 35.77
C PRO E 407 30.47 -3.32 36.11
N ALA E 408 29.42 -2.71 36.66
CA ALA E 408 28.15 -3.39 36.92
C ALA E 408 27.09 -2.70 36.09
N VAL E 409 26.52 -3.43 35.13
CA VAL E 409 25.68 -2.81 34.11
C VAL E 409 24.35 -3.55 34.03
N THR E 410 23.36 -2.88 33.46
CA THR E 410 22.02 -3.45 33.29
C THR E 410 21.98 -4.35 32.07
N ILE E 411 20.90 -5.14 31.98
CA ILE E 411 20.71 -6.05 30.85
C ILE E 411 20.56 -5.27 29.56
N ALA E 412 20.03 -4.04 29.64
CA ALA E 412 19.88 -3.22 28.45
C ALA E 412 21.20 -3.04 27.72
N TRP E 413 22.32 -2.98 28.46
CA TRP E 413 23.62 -2.88 27.81
C TRP E 413 23.87 -4.08 26.91
N LEU E 414 23.57 -5.28 27.42
CA LEU E 414 23.78 -6.48 26.63
C LEU E 414 22.84 -6.52 25.44
N LEU E 415 21.58 -6.10 25.65
CA LEU E 415 20.62 -6.13 24.55
C LEU E 415 20.99 -5.15 23.46
N GLU E 416 21.57 -4.00 23.84
CA GLU E 416 21.98 -3.02 22.84
C GLU E 416 23.25 -3.47 22.13
N THR E 417 24.18 -4.10 22.86
CA THR E 417 25.36 -4.67 22.22
C THR E 417 24.96 -5.74 21.20
N ALA E 418 23.99 -6.58 21.56
CA ALA E 418 23.50 -7.59 20.62
C ALA E 418 22.82 -6.94 19.43
N ARG E 419 22.03 -5.89 19.68
CA ARG E 419 21.35 -5.20 18.58
C ARG E 419 22.35 -4.58 17.61
N THR E 420 23.46 -4.05 18.12
CA THR E 420 24.41 -3.35 17.27
C THR E 420 25.56 -4.22 16.81
N GLY E 421 25.84 -5.33 17.49
CA GLY E 421 27.01 -6.12 17.20
C GLY E 421 28.32 -5.49 17.63
N LYS E 422 28.27 -4.37 18.33
CA LYS E 422 29.44 -3.70 18.87
C LYS E 422 29.28 -3.53 20.37
N ARG E 423 30.38 -3.69 21.11
CA ARG E 423 30.33 -3.53 22.56
C ARG E 423 29.87 -2.12 22.91
N ALA E 424 28.72 -2.03 23.58
CA ALA E 424 28.17 -0.73 23.94
C ALA E 424 29.01 -0.07 25.01
N ASP E 425 28.89 1.26 25.09
CA ASP E 425 29.61 2.04 26.09
C ASP E 425 28.98 1.78 27.46
N GLU E 426 29.70 1.06 28.32
CA GLU E 426 29.20 0.76 29.65
C GLU E 426 28.79 2.01 30.40
N SER E 427 29.55 3.09 30.23
CA SER E 427 29.29 4.33 30.96
C SER E 427 27.95 4.95 30.57
N HIS E 428 27.40 4.58 29.43
CA HIS E 428 26.07 5.06 29.03
C HIS E 428 24.95 4.24 29.62
N PHE E 429 25.25 3.10 30.24
CA PHE E 429 24.22 2.16 30.69
C PHE E 429 24.47 1.69 32.12
N LEU E 430 25.29 2.42 32.88
CA LEU E 430 25.66 1.97 34.22
C LEU E 430 24.44 1.83 35.11
N ILE E 431 24.45 0.80 35.96
CA ILE E 431 23.32 0.57 36.86
C ILE E 431 23.11 1.77 37.77
N GLU E 432 24.19 2.48 38.10
CA GLU E 432 24.08 3.67 38.94
C GLU E 432 23.26 4.77 38.26
N ASN E 433 23.09 4.70 36.94
CA ASN E 433 22.42 5.73 36.17
C ASN E 433 21.02 5.31 35.72
N SER E 434 20.48 4.23 36.27
CA SER E 434 19.24 3.66 35.78
C SER E 434 18.04 4.18 36.57
#